data_3F88
#
_entry.id   3F88
#
_cell.length_a   66.947
_cell.length_b   111.785
_cell.length_c   66.955
_cell.angle_alpha   90.000
_cell.angle_beta   100.840
_cell.angle_gamma   90.000
#
_symmetry.space_group_name_H-M   'P 1 21 1'
#
loop_
_entity.id
_entity.type
_entity.pdbx_description
1 polymer 'Glycogen synthase kinase-3 beta'
2 non-polymer 5-[1-(4-methoxyphenyl)-1H-benzimidazol-6-yl]-1,3,4-oxadiazole-2(3H)-thione
3 non-polymer 3-methylbenzonitrile
4 water water
#
_entity_poly.entity_id   1
_entity_poly.type   'polypeptide(L)'
_entity_poly.pdbx_seq_one_letter_code
;SKVTTVVATPGQGPDRPQEVSYTDTKVIGNGSFGVVYQAKLCDSGELVAIKKVLQDKRFKNRELQIMRKLDHCNIVRLRY
FFYSSGEKKDVVYLNLVLDYVPETVYRVARHYSRAKQTLPVIYVKLYMYQLFRSLAYIHSFGICHRDIKPQNLLLDPDTA
VLKLCDFGSAKQLVRGEPNVS(PTR)ICSRYYRAPELIFGATDYTSSIDVWSAGCVLAELLLGQPIFPGDSGVDQLVEII
KVLGTPTREQIREMNPNYTEFKFPQIKAHPWTKVFRPRTPPEAIALCSRLLEYTPTARLTPLEACAHSFFDELRDPNVKL
PNGRDTPALFNFTTQELSSNPPLATILIPPHAR
;
_entity_poly.pdbx_strand_id   A,B
#
loop_
_chem_comp.id
_chem_comp.type
_chem_comp.name
_chem_comp.formula
2HT non-polymer 3-methylbenzonitrile 'C8 H7 N'
3HT non-polymer 5-[1-(4-methoxyphenyl)-1H-benzimidazol-6-yl]-1,3,4-oxadiazole-2(3H)-thione 'C16 H12 N4 O2 S'
#
# COMPACT_ATOMS: atom_id res chain seq x y z
N SER A 1 35.09 12.86 -73.96
CA SER A 1 34.55 13.37 -72.65
C SER A 1 35.65 13.99 -71.80
N LYS A 2 35.41 15.20 -71.32
CA LYS A 2 36.39 15.96 -70.54
C LYS A 2 36.89 15.16 -69.35
N VAL A 3 38.21 15.06 -69.26
CA VAL A 3 38.83 14.48 -68.08
C VAL A 3 39.08 15.67 -67.17
N THR A 4 38.50 15.62 -65.99
CA THR A 4 38.64 16.70 -65.03
C THR A 4 39.63 16.23 -63.97
N THR A 5 40.61 17.08 -63.66
CA THR A 5 41.52 16.84 -62.56
C THR A 5 41.34 17.93 -61.52
N VAL A 6 40.84 17.52 -60.36
CA VAL A 6 40.74 18.38 -59.18
C VAL A 6 41.81 18.00 -58.12
N VAL A 7 41.93 18.82 -57.07
CA VAL A 7 42.82 18.51 -55.97
C VAL A 7 41.98 18.23 -54.72
N ALA A 8 42.02 16.99 -54.26
CA ALA A 8 41.02 16.54 -53.32
C ALA A 8 41.60 15.91 -52.10
N THR A 9 41.00 16.25 -50.97
CA THR A 9 41.41 15.67 -49.70
C THR A 9 40.64 14.37 -49.52
N PRO A 10 41.35 13.28 -49.16
CA PRO A 10 40.64 12.04 -48.79
C PRO A 10 39.64 12.26 -47.65
N GLY A 11 38.73 11.31 -47.47
CA GLY A 11 37.73 11.41 -46.40
C GLY A 11 38.23 10.99 -45.03
N GLN A 12 39.12 9.99 -44.99
CA GLN A 12 39.50 9.32 -43.73
C GLN A 12 40.98 9.39 -43.36
N GLY A 13 41.78 10.05 -44.20
CA GLY A 13 43.20 10.22 -43.91
C GLY A 13 43.47 11.49 -43.13
N PRO A 14 44.75 11.92 -43.10
CA PRO A 14 44.99 13.29 -42.65
C PRO A 14 44.69 14.24 -43.80
N ASP A 15 44.63 15.54 -43.53
CA ASP A 15 44.40 16.52 -44.60
C ASP A 15 45.61 16.48 -45.50
N ARG A 16 45.49 15.72 -46.60
CA ARG A 16 46.64 15.42 -47.46
C ARG A 16 46.20 15.32 -48.92
N PRO A 17 45.98 16.48 -49.58
CA PRO A 17 45.39 16.62 -50.93
C PRO A 17 46.05 15.83 -52.07
N GLN A 18 45.24 15.19 -52.90
CA GLN A 18 45.69 14.42 -54.07
C GLN A 18 45.13 14.98 -55.35
N GLU A 19 45.86 14.84 -56.46
CA GLU A 19 45.27 15.03 -57.77
C GLU A 19 44.40 13.81 -57.98
N VAL A 20 43.13 14.05 -58.31
CA VAL A 20 42.13 13.02 -58.55
C VAL A 20 41.53 13.37 -59.91
N SER A 21 41.61 12.44 -60.87
CA SER A 21 41.05 12.70 -62.20
C SER A 21 39.81 11.85 -62.47
N TYR A 22 38.74 12.50 -62.87
CA TYR A 22 37.52 11.79 -63.18
C TYR A 22 37.02 12.14 -64.56
N THR A 23 36.11 11.31 -65.07
CA THR A 23 35.60 11.51 -66.41
C THR A 23 34.19 10.93 -66.45
N ASP A 24 33.53 11.07 -67.62
CA ASP A 24 32.14 10.63 -67.80
C ASP A 24 31.20 11.30 -66.81
N THR A 25 31.54 12.54 -66.47
CA THR A 25 30.77 13.38 -65.59
C THR A 25 29.40 13.67 -66.20
N LYS A 26 28.35 13.07 -65.66
CA LYS A 26 27.00 13.48 -66.01
C LYS A 26 26.33 13.98 -64.75
N VAL A 27 25.24 14.72 -64.91
CA VAL A 27 24.46 15.21 -63.78
C VAL A 27 23.27 14.28 -63.65
N ILE A 28 23.03 13.75 -62.45
CA ILE A 28 22.00 12.75 -62.27
C ILE A 28 20.96 13.22 -61.29
N GLY A 29 21.25 14.30 -60.60
CA GLY A 29 20.27 14.93 -59.74
C GLY A 29 20.58 16.40 -59.63
N ASN A 30 19.57 17.20 -59.40
CA ASN A 30 19.75 18.64 -59.30
C ASN A 30 18.53 19.14 -58.61
N GLY A 31 18.68 19.52 -57.34
CA GLY A 31 17.57 20.03 -56.53
C GLY A 31 17.97 20.79 -55.27
N SER A 32 17.09 20.79 -54.29
CA SER A 32 17.30 21.47 -52.99
C SER A 32 18.54 20.98 -52.25
N PHE A 33 19.03 19.81 -52.64
CA PHE A 33 20.22 19.26 -52.07
C PHE A 33 21.41 19.74 -52.87
N GLY A 34 21.15 20.44 -53.97
CA GLY A 34 22.26 20.94 -54.79
C GLY A 34 22.35 20.18 -56.09
N VAL A 35 23.54 19.76 -56.45
CA VAL A 35 23.69 19.02 -57.68
C VAL A 35 24.44 17.74 -57.36
N VAL A 36 23.93 16.62 -57.85
CA VAL A 36 24.62 15.34 -57.71
C VAL A 36 24.97 14.89 -59.12
N TYR A 37 26.23 14.46 -59.28
CA TYR A 37 26.80 14.05 -60.55
C TYR A 37 27.25 12.60 -60.55
N GLN A 38 27.25 11.96 -61.71
CA GLN A 38 27.94 10.69 -61.83
C GLN A 38 29.26 10.88 -62.50
N ALA A 39 30.22 10.04 -62.15
CA ALA A 39 31.56 10.14 -62.68
C ALA A 39 32.26 8.79 -62.61
N LYS A 40 33.31 8.64 -63.42
CA LYS A 40 34.16 7.48 -63.40
C LYS A 40 35.56 7.99 -63.04
N LEU A 41 36.17 7.37 -62.02
CA LEU A 41 37.54 7.69 -61.63
C LEU A 41 38.48 7.09 -62.65
N CYS A 42 39.32 7.94 -63.23
CA CYS A 42 40.17 7.58 -64.38
C CYS A 42 41.09 6.35 -64.27
N ASP A 43 41.67 6.16 -63.09
CA ASP A 43 42.64 5.08 -62.94
C ASP A 43 42.06 3.81 -62.32
N SER A 44 41.08 3.94 -61.44
CA SER A 44 40.49 2.74 -60.81
C SER A 44 39.36 2.12 -61.65
N GLY A 45 38.71 2.93 -62.49
CA GLY A 45 37.53 2.51 -63.24
C GLY A 45 36.25 2.60 -62.40
N GLU A 46 36.41 2.97 -61.12
CA GLU A 46 35.30 2.97 -60.17
C GLU A 46 34.32 4.09 -60.44
N LEU A 47 33.03 3.77 -60.33
CA LEU A 47 32.00 4.78 -60.44
C LEU A 47 31.86 5.52 -59.12
N VAL A 48 31.57 6.81 -59.25
CA VAL A 48 31.40 7.67 -58.10
C VAL A 48 30.28 8.65 -58.33
N ALA A 49 29.74 9.17 -57.22
CA ALA A 49 28.78 10.23 -57.29
C ALA A 49 29.51 11.42 -56.72
N ILE A 50 29.10 12.63 -57.11
CA ILE A 50 29.72 13.84 -56.61
C ILE A 50 28.65 14.84 -56.30
N LYS A 51 28.46 15.11 -55.01
CA LYS A 51 27.47 16.10 -54.57
C LYS A 51 28.16 17.45 -54.54
N LYS A 52 27.63 18.38 -55.31
CA LYS A 52 28.14 19.75 -55.30
C LYS A 52 27.13 20.63 -54.56
N VAL A 53 27.52 21.02 -53.35
CA VAL A 53 26.66 21.75 -52.43
C VAL A 53 27.21 23.13 -52.15
N LEU A 54 26.33 24.12 -52.12
CA LEU A 54 26.71 25.53 -51.91
C LEU A 54 27.44 25.82 -50.59
N GLN A 55 28.48 26.63 -50.71
CA GLN A 55 29.30 27.08 -49.60
C GLN A 55 29.52 28.58 -49.83
N ASP A 56 29.65 29.36 -48.76
CA ASP A 56 29.90 30.79 -48.89
C ASP A 56 31.33 31.00 -49.40
N LYS A 57 32.27 31.12 -48.46
CA LYS A 57 33.72 31.12 -48.70
C LYS A 57 34.38 30.90 -47.33
N ARG A 58 33.70 31.42 -46.30
CA ARG A 58 34.12 31.30 -44.90
C ARG A 58 32.90 31.02 -43.99
N PHE A 59 32.11 30.03 -44.38
CA PHE A 59 31.03 29.50 -43.52
C PHE A 59 31.30 27.99 -43.41
N LYS A 60 31.34 27.49 -42.17
CA LYS A 60 31.77 26.10 -41.90
C LYS A 60 30.68 25.05 -42.13
N ASN A 61 30.92 24.18 -43.11
CA ASN A 61 30.00 23.14 -43.52
C ASN A 61 29.90 22.04 -42.46
N ARG A 62 28.66 21.70 -42.12
CA ARG A 62 28.39 20.72 -41.07
C ARG A 62 28.34 19.30 -41.65
N GLU A 63 27.78 19.18 -42.85
CA GLU A 63 27.71 17.91 -43.55
C GLU A 63 29.10 17.30 -43.70
N LEU A 64 30.04 18.13 -44.13
CA LEU A 64 31.40 17.68 -44.33
C LEU A 64 32.01 17.24 -43.03
N GLN A 65 31.85 18.07 -42.00
CA GLN A 65 32.35 17.73 -40.66
C GLN A 65 31.91 16.33 -40.25
N ILE A 66 30.61 16.06 -40.45
CA ILE A 66 30.00 14.80 -40.07
C ILE A 66 30.48 13.71 -41.02
N MET A 67 30.57 14.07 -42.30
CA MET A 67 30.89 13.13 -43.36
C MET A 67 32.20 12.38 -43.15
N ARG A 68 33.21 13.07 -42.65
CA ARG A 68 34.50 12.44 -42.40
C ARG A 68 34.55 11.62 -41.09
N LYS A 69 33.56 11.81 -40.22
CA LYS A 69 33.46 11.10 -38.94
C LYS A 69 32.83 9.70 -39.08
N LEU A 70 32.55 9.26 -40.31
CA LEU A 70 31.73 8.04 -40.56
C LEU A 70 32.36 6.97 -41.45
N ASP A 71 32.23 5.72 -41.03
CA ASP A 71 32.70 4.59 -41.83
C ASP A 71 31.83 3.38 -41.61
N HIS A 72 30.70 3.36 -42.30
CA HIS A 72 29.78 2.27 -42.18
C HIS A 72 29.38 1.82 -43.56
N CYS A 73 29.31 0.51 -43.75
CA CYS A 73 29.04 -0.07 -45.05
C CYS A 73 27.62 0.22 -45.51
N ASN A 74 26.76 0.60 -44.57
CA ASN A 74 25.42 1.04 -44.93
C ASN A 74 25.24 2.55 -44.94
N ILE A 75 26.36 3.25 -45.07
CA ILE A 75 26.35 4.68 -45.25
C ILE A 75 27.23 4.93 -46.47
N VAL A 76 26.87 5.90 -47.29
CA VAL A 76 27.63 6.19 -48.51
C VAL A 76 28.92 6.87 -48.07
N ARG A 77 30.03 6.41 -48.61
CA ARG A 77 31.34 6.85 -48.17
C ARG A 77 31.83 8.11 -48.86
N LEU A 78 32.31 9.06 -48.06
CA LEU A 78 33.01 10.21 -48.60
C LEU A 78 34.40 9.77 -49.00
N ARG A 79 34.62 9.59 -50.30
CA ARG A 79 35.92 9.16 -50.77
C ARG A 79 36.83 10.38 -50.74
N TYR A 80 36.39 11.44 -51.38
CA TYR A 80 37.18 12.67 -51.38
C TYR A 80 36.25 13.85 -51.18
N PHE A 81 36.84 15.02 -50.92
CA PHE A 81 36.09 16.26 -50.99
C PHE A 81 37.03 17.31 -51.55
N PHE A 82 36.46 18.26 -52.30
CA PHE A 82 37.24 19.32 -52.90
C PHE A 82 36.38 20.54 -53.22
N TYR A 83 37.00 21.56 -53.80
CA TYR A 83 36.34 22.85 -53.97
C TYR A 83 36.38 23.33 -55.39
N SER A 84 35.38 24.16 -55.74
CA SER A 84 35.20 24.68 -57.09
C SER A 84 34.26 25.90 -57.10
N SER A 85 33.96 26.40 -58.30
CA SER A 85 33.02 27.52 -58.50
C SER A 85 31.57 27.04 -58.60
N VAL A 92 32.03 29.84 -53.50
CA VAL A 92 32.81 28.60 -53.47
C VAL A 92 31.87 27.44 -53.19
N TYR A 93 32.14 26.27 -53.80
CA TYR A 93 31.26 25.12 -53.63
C TYR A 93 31.98 23.88 -53.09
N LEU A 94 31.35 23.22 -52.15
CA LEU A 94 31.92 22.01 -51.60
C LEU A 94 31.54 20.79 -52.44
N ASN A 95 32.54 20.03 -52.87
CA ASN A 95 32.30 18.85 -53.70
C ASN A 95 32.62 17.58 -52.93
N LEU A 96 31.61 16.74 -52.74
CA LEU A 96 31.77 15.49 -52.01
C LEU A 96 31.79 14.29 -52.97
N VAL A 97 32.97 13.71 -53.20
CA VAL A 97 33.08 12.49 -54.02
C VAL A 97 32.67 11.27 -53.23
N LEU A 98 31.62 10.61 -53.70
CA LEU A 98 30.92 9.57 -52.95
C LEU A 98 30.91 8.21 -53.63
N ASP A 99 30.69 7.14 -52.85
CA ASP A 99 30.41 5.83 -53.47
C ASP A 99 29.20 6.07 -54.35
N TYR A 100 29.26 5.58 -55.57
CA TYR A 100 28.07 5.56 -56.40
C TYR A 100 27.19 4.37 -55.98
N VAL A 101 25.90 4.59 -55.96
CA VAL A 101 24.96 3.53 -55.66
C VAL A 101 23.81 3.75 -56.64
N PRO A 102 23.47 2.74 -57.43
CA PRO A 102 22.66 3.03 -58.61
C PRO A 102 21.21 3.46 -58.41
N GLU A 103 20.58 3.03 -57.32
CA GLU A 103 19.11 3.10 -57.24
C GLU A 103 18.68 3.67 -55.87
N THR A 104 17.42 4.07 -55.72
CA THR A 104 16.91 4.55 -54.43
C THR A 104 15.66 3.78 -54.10
N VAL A 105 15.31 3.78 -52.82
CA VAL A 105 14.17 3.02 -52.34
C VAL A 105 12.94 3.70 -52.91
N TYR A 106 13.04 5.00 -53.09
CA TYR A 106 11.92 5.76 -53.64
C TYR A 106 11.59 5.27 -55.07
N ARG A 107 12.60 5.15 -55.93
CA ARG A 107 12.32 4.67 -57.27
C ARG A 107 11.89 3.21 -57.27
N VAL A 108 12.46 2.42 -56.37
CA VAL A 108 12.10 1.01 -56.34
C VAL A 108 10.68 0.92 -55.88
N ALA A 109 10.33 1.63 -54.83
CA ALA A 109 8.98 1.53 -54.23
C ALA A 109 7.92 1.93 -55.24
N ARG A 110 8.28 2.89 -56.08
CA ARG A 110 7.37 3.43 -57.05
C ARG A 110 7.16 2.49 -58.19
N HIS A 111 8.24 1.88 -58.69
CA HIS A 111 8.09 0.85 -59.72
C HIS A 111 7.06 -0.18 -59.28
N TYR A 112 7.15 -0.64 -58.04
CA TYR A 112 6.21 -1.63 -57.54
C TYR A 112 4.84 -1.03 -57.53
N SER A 113 4.70 0.09 -56.83
CA SER A 113 3.45 0.84 -56.69
C SER A 113 2.75 1.01 -58.04
N ARG A 114 3.50 1.48 -59.03
CA ARG A 114 2.96 1.71 -60.36
C ARG A 114 2.52 0.43 -61.03
N ALA A 115 3.15 -0.68 -60.66
CA ALA A 115 2.81 -1.96 -61.23
C ALA A 115 1.85 -2.69 -60.29
N LYS A 116 1.13 -1.94 -59.47
CA LYS A 116 0.15 -2.51 -58.52
C LYS A 116 0.68 -3.79 -57.86
N GLN A 117 1.97 -3.75 -57.54
CA GLN A 117 2.68 -4.85 -56.92
C GLN A 117 3.38 -4.41 -55.63
N THR A 118 3.43 -5.31 -54.66
CA THR A 118 4.04 -5.02 -53.37
C THR A 118 5.49 -5.48 -53.40
N LEU A 119 6.38 -4.70 -52.78
CA LEU A 119 7.79 -5.09 -52.72
C LEU A 119 7.91 -6.30 -51.80
N PRO A 120 8.49 -7.41 -52.32
CA PRO A 120 8.71 -8.62 -51.54
C PRO A 120 9.22 -8.31 -50.13
N VAL A 121 8.47 -8.76 -49.14
CA VAL A 121 8.77 -8.59 -47.72
C VAL A 121 10.24 -8.84 -47.35
N ILE A 122 10.91 -9.72 -48.07
CA ILE A 122 12.32 -10.03 -47.81
C ILE A 122 13.20 -8.84 -48.15
N TYR A 123 12.84 -8.10 -49.19
CA TYR A 123 13.58 -6.93 -49.57
C TYR A 123 13.28 -5.82 -48.56
N VAL A 124 12.10 -5.86 -47.95
CA VAL A 124 11.76 -4.94 -46.89
C VAL A 124 12.63 -5.28 -45.70
N LYS A 125 12.82 -6.57 -45.44
CA LYS A 125 13.64 -6.97 -44.31
C LYS A 125 15.08 -6.44 -44.45
N LEU A 126 15.68 -6.67 -45.62
CA LEU A 126 17.06 -6.26 -45.85
C LEU A 126 17.20 -4.76 -45.79
N TYR A 127 16.34 -4.06 -46.52
CA TYR A 127 16.45 -2.62 -46.66
C TYR A 127 16.26 -1.96 -45.31
N MET A 128 15.19 -2.33 -44.61
CA MET A 128 15.01 -1.82 -43.27
C MET A 128 16.19 -2.13 -42.36
N TYR A 129 16.67 -3.37 -42.39
CA TYR A 129 17.78 -3.78 -41.53
C TYR A 129 18.96 -2.85 -41.64
N GLN A 130 19.35 -2.56 -42.86
CA GLN A 130 20.53 -1.75 -43.11
C GLN A 130 20.32 -0.30 -42.80
N LEU A 131 19.08 0.20 -42.99
CA LEU A 131 18.69 1.55 -42.53
C LEU A 131 18.85 1.62 -41.02
N PHE A 132 18.26 0.65 -40.34
CA PHE A 132 18.34 0.58 -38.89
C PHE A 132 19.74 0.39 -38.32
N ARG A 133 20.60 -0.35 -39.02
CA ARG A 133 22.01 -0.43 -38.61
C ARG A 133 22.70 0.90 -38.81
N SER A 134 22.43 1.57 -39.92
CA SER A 134 23.12 2.82 -40.20
C SER A 134 22.67 3.87 -39.19
N LEU A 135 21.41 3.80 -38.74
CA LEU A 135 20.93 4.75 -37.75
C LEU A 135 21.57 4.45 -36.41
N ALA A 136 21.60 3.18 -36.04
CA ALA A 136 22.29 2.77 -34.82
C ALA A 136 23.73 3.24 -34.88
N TYR A 137 24.25 3.45 -36.09
CA TYR A 137 25.62 3.92 -36.26
C TYR A 137 25.73 5.40 -35.96
N ILE A 138 25.09 6.23 -36.78
CA ILE A 138 25.14 7.69 -36.62
C ILE A 138 24.55 8.16 -35.28
N HIS A 139 23.71 7.31 -34.68
CA HIS A 139 23.05 7.65 -33.41
C HIS A 139 23.93 7.47 -32.20
N SER A 140 24.80 6.47 -32.25
CA SER A 140 25.82 6.29 -31.22
C SER A 140 26.68 7.56 -31.11
N PHE A 141 26.86 8.26 -32.23
CA PHE A 141 27.58 9.54 -32.23
C PHE A 141 26.66 10.71 -31.89
N GLY A 142 25.41 10.42 -31.55
CA GLY A 142 24.42 11.45 -31.27
C GLY A 142 24.04 12.30 -32.48
N ILE A 143 24.32 11.79 -33.70
CA ILE A 143 23.97 12.49 -34.94
C ILE A 143 22.58 12.06 -35.39
N CYS A 144 21.69 13.01 -35.52
CA CYS A 144 20.37 12.73 -36.04
C CYS A 144 20.34 13.13 -37.50
N HIS A 145 19.94 12.20 -38.36
CA HIS A 145 19.98 12.42 -39.81
C HIS A 145 18.99 13.50 -40.20
N ARG A 146 17.76 13.37 -39.70
CA ARG A 146 16.74 14.42 -39.80
C ARG A 146 16.20 14.57 -41.21
N ASP A 147 16.27 13.53 -41.99
CA ASP A 147 15.74 13.57 -43.35
C ASP A 147 15.70 12.16 -43.85
N ILE A 148 15.34 11.25 -42.95
CA ILE A 148 15.17 9.88 -43.35
C ILE A 148 13.88 9.78 -44.11
N LYS A 149 14.02 9.44 -45.39
CA LYS A 149 12.90 9.26 -46.34
C LYS A 149 13.36 8.36 -47.46
N PRO A 150 12.42 7.75 -48.23
CA PRO A 150 12.80 6.80 -49.28
C PRO A 150 13.82 7.33 -50.29
N GLN A 151 13.74 8.60 -50.67
CA GLN A 151 14.71 9.16 -51.59
C GLN A 151 16.12 9.08 -51.01
N ASN A 152 16.25 9.03 -49.69
CA ASN A 152 17.57 9.11 -49.07
C ASN A 152 18.18 7.78 -48.67
N LEU A 153 17.55 6.69 -49.03
CA LEU A 153 18.14 5.39 -48.83
C LEU A 153 18.49 4.91 -50.22
N LEU A 154 19.79 4.78 -50.51
CA LEU A 154 20.21 4.24 -51.81
C LEU A 154 20.39 2.74 -51.80
N LEU A 155 20.00 2.11 -52.91
CA LEU A 155 20.11 0.66 -53.13
C LEU A 155 20.99 0.26 -54.31
N ASP A 156 21.74 -0.82 -54.11
CA ASP A 156 22.19 -1.62 -55.26
C ASP A 156 21.25 -2.82 -55.35
N PRO A 157 20.46 -2.87 -56.43
CA PRO A 157 19.43 -3.90 -56.57
C PRO A 157 19.98 -5.31 -56.78
N ASP A 158 21.21 -5.41 -57.28
CA ASP A 158 21.84 -6.70 -57.55
C ASP A 158 22.44 -7.34 -56.32
N THR A 159 22.98 -6.53 -55.41
CA THR A 159 23.60 -7.05 -54.22
C THR A 159 22.74 -6.82 -52.97
N ALA A 160 21.65 -6.07 -53.13
CA ALA A 160 20.70 -5.75 -52.03
C ALA A 160 21.29 -4.83 -50.94
N VAL A 161 22.39 -4.16 -51.27
CA VAL A 161 23.04 -3.27 -50.32
C VAL A 161 22.28 -1.96 -50.27
N LEU A 162 21.93 -1.54 -49.05
CA LEU A 162 21.35 -0.20 -48.79
C LEU A 162 22.40 0.71 -48.20
N LYS A 163 22.56 1.88 -48.77
CA LYS A 163 23.43 2.89 -48.22
C LYS A 163 22.59 4.15 -47.94
N LEU A 164 22.51 4.51 -46.67
CA LEU A 164 21.91 5.74 -46.22
C LEU A 164 22.72 6.92 -46.71
N CYS A 165 22.09 7.94 -47.28
CA CYS A 165 22.84 9.09 -47.80
C CYS A 165 22.23 10.46 -47.49
N ASP A 166 22.78 11.49 -48.09
CA ASP A 166 22.37 12.88 -47.91
C ASP A 166 22.35 13.31 -46.44
N PHE A 167 23.44 13.93 -46.02
CA PHE A 167 23.63 14.33 -44.63
C PHE A 167 23.55 15.83 -44.50
N GLY A 168 22.74 16.45 -45.35
CA GLY A 168 22.71 17.91 -45.45
C GLY A 168 21.76 18.56 -44.45
N SER A 169 21.17 17.73 -43.60
CA SER A 169 20.26 18.17 -42.58
C SER A 169 20.65 17.52 -41.26
N ALA A 170 21.66 16.67 -41.31
CA ALA A 170 22.07 15.96 -40.11
C ALA A 170 22.74 16.95 -39.22
N LYS A 171 22.60 16.75 -37.92
CA LYS A 171 23.20 17.65 -36.96
C LYS A 171 23.66 16.86 -35.75
N GLN A 172 24.77 17.31 -35.20
CA GLN A 172 25.21 16.79 -33.94
C GLN A 172 24.28 17.43 -32.88
N LEU A 173 23.29 16.65 -32.46
CA LEU A 173 22.29 17.08 -31.47
C LEU A 173 22.91 17.23 -30.05
N VAL A 174 22.84 18.45 -29.51
CA VAL A 174 23.48 18.83 -28.25
C VAL A 174 22.49 18.80 -27.08
N ARG A 175 22.79 18.02 -26.05
CA ARG A 175 21.87 17.83 -24.92
C ARG A 175 21.65 19.15 -24.17
N GLY A 176 20.40 19.63 -24.20
CA GLY A 176 20.04 20.93 -23.66
C GLY A 176 20.02 22.09 -24.67
N GLU A 177 20.01 21.78 -25.96
CA GLU A 177 20.06 22.81 -27.00
C GLU A 177 18.88 22.82 -27.99
N PRO A 178 18.57 24.01 -28.56
CA PRO A 178 17.43 24.13 -29.47
C PRO A 178 17.76 23.86 -30.95
N ASN A 179 16.95 23.03 -31.59
CA ASN A 179 17.03 22.83 -33.03
C ASN A 179 15.70 23.17 -33.69
N VAL A 180 15.72 23.37 -35.00
CA VAL A 180 14.50 23.69 -35.75
C VAL A 180 13.51 22.51 -35.74
N SER A 181 12.22 22.84 -35.67
CA SER A 181 11.18 21.84 -35.60
C SER A 181 10.61 21.55 -36.99
N PTR A 182 10.71 22.53 -37.88
CA PTR A 182 10.28 22.34 -39.24
C PTR A 182 11.42 21.72 -40.03
O PTR A 182 12.18 22.39 -40.71
CB PTR A 182 9.85 23.61 -39.93
CG PTR A 182 8.95 23.33 -41.09
CD1 PTR A 182 7.72 22.68 -40.90
CD2 PTR A 182 9.31 23.68 -42.38
CE1 PTR A 182 6.88 22.40 -41.97
CE2 PTR A 182 8.49 23.40 -43.45
CZ PTR A 182 7.28 22.76 -43.25
OH PTR A 182 6.53 22.55 -44.21
P PTR A 182 6.49 21.23 -45.08
O1P PTR A 182 5.31 20.51 -44.60
O2P PTR A 182 7.81 20.46 -44.90
O3P PTR A 182 6.36 21.59 -46.59
N ILE A 183 11.52 20.40 -39.91
CA ILE A 183 12.60 19.65 -40.48
C ILE A 183 12.01 18.30 -40.95
N CYS A 184 12.78 17.57 -41.77
CA CYS A 184 12.33 16.36 -42.45
C CYS A 184 11.32 16.70 -43.52
N SER A 185 11.00 15.69 -44.32
CA SER A 185 10.00 15.79 -45.35
C SER A 185 8.69 15.48 -44.71
N ARG A 186 7.74 16.37 -44.97
CA ARG A 186 6.40 16.24 -44.44
C ARG A 186 5.91 14.82 -44.07
N TYR A 187 6.02 13.87 -44.97
CA TYR A 187 5.38 12.58 -44.73
C TYR A 187 6.10 11.80 -43.65
N TYR A 188 7.35 12.16 -43.41
CA TYR A 188 8.22 11.36 -42.57
C TYR A 188 8.46 12.05 -41.22
N ARG A 189 8.05 13.30 -41.14
CA ARG A 189 8.22 14.14 -39.94
C ARG A 189 7.45 13.70 -38.70
N ALA A 190 8.19 13.36 -37.62
CA ALA A 190 7.60 12.96 -36.31
C ALA A 190 6.64 14.01 -35.73
N PRO A 191 5.72 13.58 -34.84
CA PRO A 191 4.71 14.53 -34.44
C PRO A 191 5.30 15.61 -33.56
N GLU A 192 6.35 15.27 -32.81
CA GLU A 192 6.95 16.31 -31.96
C GLU A 192 7.35 17.49 -32.85
N LEU A 193 8.09 17.20 -33.90
CA LEU A 193 8.40 18.15 -34.96
C LEU A 193 7.17 18.92 -35.42
N ILE A 194 6.12 18.20 -35.84
CA ILE A 194 4.83 18.85 -36.12
C ILE A 194 4.52 19.81 -34.96
N PHE A 195 4.36 19.29 -33.74
CA PHE A 195 4.10 20.16 -32.57
C PHE A 195 5.26 21.08 -32.19
N GLY A 196 5.87 21.74 -33.19
CA GLY A 196 6.88 22.77 -32.93
C GLY A 196 7.91 22.51 -31.83
N ALA A 197 8.21 21.25 -31.53
CA ALA A 197 9.24 20.93 -30.54
C ALA A 197 10.61 21.39 -31.05
N THR A 198 11.30 22.16 -30.21
CA THR A 198 12.65 22.63 -30.52
C THR A 198 13.76 21.80 -29.85
N ASP A 199 13.37 20.73 -29.15
CA ASP A 199 14.34 19.95 -28.39
C ASP A 199 13.97 18.49 -28.46
N TYR A 200 14.39 17.88 -29.55
CA TYR A 200 13.98 16.53 -29.87
C TYR A 200 15.17 15.61 -29.91
N THR A 201 14.91 14.34 -29.65
CA THR A 201 15.95 13.34 -29.64
C THR A 201 16.31 12.94 -31.07
N SER A 202 17.17 11.93 -31.18
CA SER A 202 17.54 11.44 -32.44
C SER A 202 16.41 10.53 -32.90
N SER A 203 15.43 10.27 -32.03
CA SER A 203 14.45 9.21 -32.32
C SER A 203 13.50 9.56 -33.46
N ILE A 204 13.29 10.85 -33.66
CA ILE A 204 12.62 11.33 -34.88
C ILE A 204 13.06 10.56 -36.12
N ASP A 205 14.32 10.14 -36.18
CA ASP A 205 14.80 9.31 -37.29
C ASP A 205 13.98 8.04 -37.38
N VAL A 206 13.99 7.32 -36.29
CA VAL A 206 13.26 6.09 -36.12
C VAL A 206 11.75 6.23 -36.38
N TRP A 207 11.13 7.38 -36.10
CA TRP A 207 9.77 7.60 -36.58
C TRP A 207 9.78 7.60 -38.09
N SER A 208 10.65 8.44 -38.65
CA SER A 208 10.84 8.55 -40.08
C SER A 208 11.03 7.18 -40.71
N ALA A 209 11.70 6.29 -39.99
CA ALA A 209 12.04 4.99 -40.55
C ALA A 209 10.80 4.12 -40.56
N GLY A 210 10.03 4.22 -39.47
CA GLY A 210 8.76 3.53 -39.36
C GLY A 210 7.84 3.95 -40.47
N CYS A 211 7.95 5.21 -40.89
CA CYS A 211 7.14 5.71 -41.98
C CYS A 211 7.56 5.06 -43.29
N VAL A 212 8.89 4.89 -43.47
CA VAL A 212 9.47 4.18 -44.64
C VAL A 212 9.04 2.73 -44.66
N LEU A 213 9.21 2.04 -43.53
CA LEU A 213 8.78 0.66 -43.44
C LEU A 213 7.30 0.55 -43.81
N ALA A 214 6.44 1.35 -43.16
CA ALA A 214 5.00 1.22 -43.42
C ALA A 214 4.68 1.53 -44.86
N GLU A 215 5.35 2.53 -45.45
CA GLU A 215 5.20 2.81 -46.87
C GLU A 215 5.58 1.58 -47.72
N LEU A 216 6.63 0.86 -47.32
CA LEU A 216 7.07 -0.30 -48.12
C LEU A 216 6.06 -1.41 -48.07
N LEU A 217 5.24 -1.41 -47.03
CA LEU A 217 4.29 -2.48 -46.81
C LEU A 217 2.95 -2.13 -47.38
N LEU A 218 2.63 -0.84 -47.37
CA LEU A 218 1.34 -0.37 -47.82
C LEU A 218 1.38 -0.05 -49.30
N GLY A 219 2.58 0.26 -49.82
CA GLY A 219 2.72 0.67 -51.22
C GLY A 219 2.37 2.14 -51.43
N GLN A 220 2.15 2.85 -50.33
CA GLN A 220 1.90 4.29 -50.35
C GLN A 220 2.44 4.86 -49.05
N PRO A 221 2.70 6.19 -49.01
CA PRO A 221 3.01 6.73 -47.70
C PRO A 221 1.84 6.44 -46.74
N ILE A 222 2.11 6.42 -45.45
CA ILE A 222 1.08 6.08 -44.48
C ILE A 222 0.42 7.35 -43.95
N PHE A 223 1.17 8.45 -43.92
CA PHE A 223 0.63 9.71 -43.45
C PHE A 223 0.89 10.75 -44.52
N PRO A 224 0.11 10.71 -45.62
CA PRO A 224 0.39 11.62 -46.72
C PRO A 224 -0.42 12.89 -46.56
N GLY A 225 0.00 13.79 -45.68
CA GLY A 225 -0.73 15.05 -45.48
C GLY A 225 -0.47 16.08 -46.58
N ASP A 226 -1.47 16.87 -46.92
CA ASP A 226 -1.26 17.84 -48.00
C ASP A 226 -0.97 19.26 -47.51
N SER A 227 -0.35 19.33 -46.34
CA SER A 227 0.16 20.57 -45.74
C SER A 227 0.69 20.21 -44.36
N GLY A 228 1.60 21.06 -43.85
CA GLY A 228 2.25 20.84 -42.56
C GLY A 228 1.28 20.58 -41.44
N VAL A 229 0.22 21.38 -41.42
CA VAL A 229 -0.86 21.27 -40.45
C VAL A 229 -1.66 19.98 -40.64
N ASP A 230 -2.02 19.67 -41.88
CA ASP A 230 -2.81 18.48 -42.19
C ASP A 230 -2.11 17.17 -41.82
N GLN A 231 -0.79 17.19 -41.74
CA GLN A 231 -0.02 16.00 -41.47
C GLN A 231 -0.43 15.38 -40.13
N LEU A 232 -0.84 16.20 -39.19
CA LEU A 232 -1.29 15.71 -37.91
C LEU A 232 -2.58 14.91 -38.06
N VAL A 233 -3.42 15.39 -38.97
CA VAL A 233 -4.75 14.83 -39.26
C VAL A 233 -4.59 13.44 -39.87
N GLU A 234 -3.48 13.22 -40.56
CA GLU A 234 -3.23 11.92 -41.17
C GLU A 234 -2.71 10.88 -40.17
N ILE A 235 -1.88 11.32 -39.23
CA ILE A 235 -1.31 10.48 -38.18
C ILE A 235 -2.39 10.14 -37.13
N ILE A 236 -3.31 11.09 -36.92
CA ILE A 236 -4.39 10.83 -35.97
C ILE A 236 -5.30 9.75 -36.52
N LYS A 237 -5.69 9.90 -37.79
CA LYS A 237 -6.47 8.89 -38.50
C LYS A 237 -6.05 7.46 -38.13
N VAL A 238 -4.76 7.28 -37.86
CA VAL A 238 -4.20 5.96 -37.54
C VAL A 238 -4.00 5.78 -36.03
N LEU A 239 -3.13 6.58 -35.44
CA LEU A 239 -2.75 6.40 -34.05
C LEU A 239 -3.84 6.86 -33.09
N GLY A 240 -4.54 7.92 -33.47
CA GLY A 240 -5.57 8.53 -32.65
C GLY A 240 -5.15 9.91 -32.19
N THR A 241 -6.01 10.55 -31.40
CA THR A 241 -5.62 11.80 -30.77
C THR A 241 -4.55 11.47 -29.71
N PRO A 242 -3.42 12.20 -29.74
CA PRO A 242 -2.41 12.05 -28.69
C PRO A 242 -2.96 12.59 -27.37
N THR A 243 -2.83 11.80 -26.31
CA THR A 243 -3.24 12.22 -24.98
C THR A 243 -2.50 13.53 -24.69
N ARG A 244 -3.12 14.44 -23.94
CA ARG A 244 -2.47 15.72 -23.57
C ARG A 244 -1.15 15.40 -22.88
N GLU A 245 -1.15 14.26 -22.19
CA GLU A 245 0.04 13.64 -21.61
C GLU A 245 1.05 13.40 -22.73
N GLN A 246 0.67 12.58 -23.70
CA GLN A 246 1.50 12.33 -24.88
C GLN A 246 2.10 13.63 -25.45
N ILE A 247 1.35 14.73 -25.43
CA ILE A 247 1.90 16.05 -25.76
C ILE A 247 3.01 16.47 -24.79
N ARG A 248 2.69 16.62 -23.50
CA ARG A 248 3.73 16.87 -22.49
C ARG A 248 5.04 16.16 -22.93
N GLU A 249 4.92 14.86 -23.22
CA GLU A 249 6.03 13.99 -23.67
C GLU A 249 6.51 14.17 -25.13
N MET A 250 5.98 15.19 -25.81
CA MET A 250 6.40 15.53 -27.18
C MET A 250 7.02 16.91 -27.19
N ASN A 251 6.25 17.88 -26.72
CA ASN A 251 6.67 19.26 -26.52
C ASN A 251 5.86 19.89 -25.37
N PRO A 252 6.56 20.45 -24.35
CA PRO A 252 5.89 21.31 -23.35
C PRO A 252 5.73 22.78 -23.81
N ASN A 253 4.52 23.32 -23.63
CA ASN A 253 4.19 24.71 -24.00
C ASN A 253 2.95 25.23 -23.26
N GLU A 256 -0.93 27.14 -29.20
CA GLU A 256 -0.38 26.02 -29.98
C GLU A 256 -1.40 25.55 -31.03
N PHE A 257 -2.00 24.38 -30.79
CA PHE A 257 -3.04 23.81 -31.65
C PHE A 257 -4.38 23.60 -30.90
N LYS A 258 -5.40 23.18 -31.63
CA LYS A 258 -6.74 22.86 -31.09
C LYS A 258 -7.37 21.67 -31.81
N PHE A 259 -7.59 20.57 -31.08
CA PHE A 259 -8.09 19.31 -31.67
C PHE A 259 -9.09 18.53 -30.79
N PRO A 260 -10.06 17.86 -31.43
CA PRO A 260 -10.99 16.95 -30.73
C PRO A 260 -10.39 15.54 -30.64
N GLN A 261 -11.00 14.67 -29.84
CA GLN A 261 -10.42 13.35 -29.58
C GLN A 261 -10.95 12.22 -30.49
N ILE A 262 -10.23 11.96 -31.58
CA ILE A 262 -10.53 10.87 -32.51
C ILE A 262 -9.93 9.54 -32.02
N LYS A 263 -10.63 8.45 -32.29
CA LYS A 263 -10.24 7.12 -31.82
C LYS A 263 -9.05 6.54 -32.57
N ALA A 264 -8.29 5.69 -31.87
CA ALA A 264 -7.17 4.95 -32.46
C ALA A 264 -7.66 3.93 -33.47
N HIS A 265 -6.80 3.59 -34.42
CA HIS A 265 -7.12 2.58 -35.42
C HIS A 265 -6.15 1.40 -35.26
N PRO A 266 -6.69 0.21 -34.92
CA PRO A 266 -5.88 -0.97 -34.60
C PRO A 266 -4.87 -1.28 -35.68
N TRP A 267 -3.71 -1.77 -35.27
CA TRP A 267 -2.58 -1.94 -36.17
C TRP A 267 -2.78 -2.93 -37.33
N THR A 268 -3.32 -4.12 -37.05
CA THR A 268 -3.60 -5.09 -38.10
C THR A 268 -4.59 -4.56 -39.14
N LYS A 269 -5.43 -3.61 -38.73
CA LYS A 269 -6.48 -3.03 -39.58
C LYS A 269 -5.94 -2.05 -40.63
N VAL A 270 -4.69 -1.58 -40.43
CA VAL A 270 -4.08 -0.57 -41.31
C VAL A 270 -3.42 -1.20 -42.54
N PHE A 271 -2.78 -2.34 -42.34
CA PHE A 271 -2.04 -3.01 -43.40
C PHE A 271 -2.86 -4.04 -44.15
N ARG A 272 -2.64 -4.13 -45.46
CA ARG A 272 -3.28 -5.13 -46.32
C ARG A 272 -3.22 -6.53 -45.68
N PRO A 273 -4.37 -7.23 -45.63
CA PRO A 273 -4.64 -8.45 -44.84
C PRO A 273 -3.53 -9.52 -44.67
N ARG A 274 -2.57 -9.59 -45.59
CA ARG A 274 -1.56 -10.69 -45.58
C ARG A 274 -0.20 -10.35 -44.95
N THR A 275 -0.02 -9.09 -44.52
CA THR A 275 1.25 -8.60 -43.96
C THR A 275 1.75 -9.41 -42.76
N PRO A 276 3.05 -9.78 -42.75
CA PRO A 276 3.56 -10.55 -41.60
C PRO A 276 3.26 -9.83 -40.29
N PRO A 277 2.96 -10.56 -39.21
CA PRO A 277 2.66 -9.89 -37.92
C PRO A 277 3.89 -9.19 -37.33
N GLU A 278 5.08 -9.77 -37.52
CA GLU A 278 6.34 -9.18 -37.07
C GLU A 278 6.62 -7.84 -37.76
N ALA A 279 6.13 -7.70 -38.98
CA ALA A 279 6.21 -6.41 -39.65
C ALA A 279 5.30 -5.38 -38.95
N ILE A 280 4.01 -5.69 -38.80
CA ILE A 280 3.06 -4.78 -38.14
C ILE A 280 3.49 -4.52 -36.70
N ALA A 281 3.80 -5.59 -35.97
CA ALA A 281 4.38 -5.52 -34.64
C ALA A 281 5.48 -4.46 -34.53
N LEU A 282 6.37 -4.42 -35.51
CA LEU A 282 7.47 -3.48 -35.50
C LEU A 282 6.92 -2.03 -35.53
N CYS A 283 6.21 -1.65 -36.60
CA CYS A 283 5.68 -0.28 -36.73
C CYS A 283 5.10 0.28 -35.46
N SER A 284 4.27 -0.52 -34.80
CA SER A 284 3.69 -0.13 -33.52
C SER A 284 4.79 0.30 -32.55
N ARG A 285 5.94 -0.35 -32.63
CA ARG A 285 7.10 0.04 -31.84
C ARG A 285 8.01 1.07 -32.54
N LEU A 286 7.55 1.65 -33.64
CA LEU A 286 8.28 2.75 -34.29
C LEU A 286 7.40 3.97 -34.32
N LEU A 287 6.18 3.79 -34.81
CA LEU A 287 5.20 4.87 -34.89
C LEU A 287 4.51 5.02 -33.55
N GLU A 288 5.20 5.73 -32.67
CA GLU A 288 4.77 5.95 -31.30
C GLU A 288 4.67 7.46 -31.13
N TYR A 289 3.54 7.93 -30.63
CA TYR A 289 3.43 9.34 -30.26
C TYR A 289 4.55 9.75 -29.32
N THR A 290 5.12 8.77 -28.65
CA THR A 290 6.13 8.99 -27.64
C THR A 290 7.52 8.70 -28.21
N PRO A 291 8.41 9.71 -28.25
CA PRO A 291 9.80 9.44 -28.64
C PRO A 291 10.44 8.39 -27.72
N THR A 292 10.33 8.59 -26.41
CA THR A 292 10.96 7.63 -25.51
C THR A 292 10.37 6.21 -25.61
N ALA A 293 9.27 6.04 -26.34
CA ALA A 293 8.76 4.68 -26.64
C ALA A 293 9.44 4.08 -27.88
N ARG A 294 9.72 4.91 -28.88
CA ARG A 294 10.28 4.40 -30.12
C ARG A 294 11.57 3.65 -29.81
N LEU A 295 11.56 2.34 -30.12
CA LEU A 295 12.76 1.50 -30.12
C LEU A 295 14.00 2.24 -30.64
N THR A 296 15.09 2.05 -29.93
CA THR A 296 16.37 2.48 -30.44
C THR A 296 16.64 1.67 -31.70
N PRO A 297 17.25 2.29 -32.75
CA PRO A 297 17.71 1.61 -33.95
C PRO A 297 18.31 0.23 -33.64
N LEU A 298 19.28 0.19 -32.74
CA LEU A 298 19.92 -1.07 -32.42
C LEU A 298 18.89 -2.05 -31.89
N GLU A 299 17.93 -1.58 -31.09
CA GLU A 299 16.85 -2.44 -30.57
C GLU A 299 16.01 -2.94 -31.73
N ALA A 300 15.79 -2.05 -32.70
CA ALA A 300 14.95 -2.34 -33.85
C ALA A 300 15.54 -3.47 -34.67
N CYS A 301 16.87 -3.53 -34.74
CA CYS A 301 17.54 -4.64 -35.44
C CYS A 301 17.28 -5.98 -34.76
N ALA A 302 17.38 -6.02 -33.44
CA ALA A 302 17.18 -7.25 -32.68
C ALA A 302 15.77 -7.82 -32.89
N HIS A 303 14.94 -7.08 -33.64
CA HIS A 303 13.52 -7.40 -33.76
C HIS A 303 13.24 -8.70 -34.51
N SER A 304 12.21 -9.41 -34.05
CA SER A 304 11.73 -10.66 -34.67
C SER A 304 11.65 -10.57 -36.19
N PHE A 305 11.23 -9.41 -36.70
CA PHE A 305 11.10 -9.16 -38.13
C PHE A 305 12.36 -9.62 -38.88
N PHE A 306 13.52 -9.12 -38.46
CA PHE A 306 14.77 -9.42 -39.16
C PHE A 306 15.40 -10.75 -38.76
N ASP A 307 14.57 -11.73 -38.44
CA ASP A 307 15.09 -13.05 -38.07
C ASP A 307 15.31 -13.94 -39.29
N GLU A 308 14.53 -13.76 -40.35
CA GLU A 308 14.79 -14.44 -41.61
C GLU A 308 16.20 -14.09 -42.05
N LEU A 309 16.63 -12.86 -41.72
CA LEU A 309 17.97 -12.38 -42.05
C LEU A 309 19.02 -12.93 -41.11
N ARG A 310 18.56 -13.50 -39.99
CA ARG A 310 19.43 -14.21 -39.06
C ARG A 310 19.51 -15.73 -39.36
N ASP A 311 19.06 -16.11 -40.56
CA ASP A 311 19.14 -17.50 -41.02
C ASP A 311 20.45 -17.73 -41.78
N PRO A 312 21.22 -18.76 -41.39
CA PRO A 312 22.47 -19.10 -42.09
C PRO A 312 22.26 -19.49 -43.56
N ASN A 313 21.12 -20.12 -43.87
CA ASN A 313 20.77 -20.50 -45.24
C ASN A 313 20.11 -19.39 -46.08
N VAL A 314 20.05 -18.18 -45.54
CA VAL A 314 19.36 -17.09 -46.21
C VAL A 314 20.09 -16.71 -47.51
N LYS A 315 19.28 -16.51 -48.55
CA LYS A 315 19.78 -16.20 -49.88
C LYS A 315 18.99 -15.04 -50.46
N LEU A 316 19.54 -14.42 -51.49
CA LEU A 316 18.81 -13.45 -52.27
C LEU A 316 17.92 -14.16 -53.31
N PRO A 317 16.82 -13.52 -53.75
CA PRO A 317 15.96 -14.12 -54.74
C PRO A 317 16.68 -14.50 -56.04
N ASN A 318 17.93 -14.06 -56.19
CA ASN A 318 18.77 -14.45 -57.32
C ASN A 318 19.90 -15.41 -56.94
N GLY A 319 19.66 -16.19 -55.89
CA GLY A 319 20.57 -17.27 -55.48
C GLY A 319 21.75 -16.85 -54.63
N ARG A 320 22.13 -15.59 -54.78
CA ARG A 320 23.29 -15.00 -54.11
C ARG A 320 23.19 -14.92 -52.59
N ASP A 321 24.36 -14.79 -51.96
CA ASP A 321 24.46 -14.58 -50.53
C ASP A 321 24.09 -13.15 -50.24
N THR A 322 23.58 -12.89 -49.04
CA THR A 322 23.22 -11.54 -48.64
C THR A 322 24.51 -10.72 -48.48
N PRO A 323 24.40 -9.37 -48.52
CA PRO A 323 25.53 -8.50 -48.21
C PRO A 323 25.87 -8.54 -46.72
N ALA A 324 26.92 -7.83 -46.32
CA ALA A 324 27.40 -7.79 -44.93
C ALA A 324 26.29 -7.36 -43.98
N LEU A 325 25.97 -8.18 -42.99
CA LEU A 325 24.89 -7.86 -42.07
C LEU A 325 25.30 -7.95 -40.61
N PHE A 326 26.39 -8.66 -40.36
CA PHE A 326 26.77 -9.03 -39.01
C PHE A 326 28.11 -8.43 -38.57
N ASN A 327 28.77 -7.71 -39.47
CA ASN A 327 30.04 -7.06 -39.18
C ASN A 327 29.94 -5.86 -38.22
N PHE A 328 29.16 -6.04 -37.15
CA PHE A 328 29.00 -5.04 -36.10
C PHE A 328 30.35 -4.68 -35.46
N THR A 329 30.67 -3.39 -35.47
CA THR A 329 31.80 -2.92 -34.68
C THR A 329 31.30 -2.82 -33.24
N THR A 330 32.23 -2.79 -32.28
CA THR A 330 31.83 -2.54 -30.90
C THR A 330 31.39 -1.07 -30.71
N GLN A 331 31.84 -0.20 -31.61
CA GLN A 331 31.36 1.18 -31.68
C GLN A 331 29.83 1.15 -31.84
N GLU A 332 29.37 0.32 -32.77
CA GLU A 332 27.95 0.14 -33.06
C GLU A 332 27.19 -0.56 -31.92
N LEU A 333 27.82 -1.57 -31.32
CA LEU A 333 27.21 -2.35 -30.23
C LEU A 333 27.41 -1.66 -28.87
N SER A 334 26.91 -0.43 -28.76
CA SER A 334 27.24 0.42 -27.63
C SER A 334 26.01 1.04 -27.01
N SER A 335 24.89 0.98 -27.73
CA SER A 335 23.63 1.46 -27.16
C SER A 335 23.21 0.48 -26.05
N ASN A 336 23.55 -0.78 -26.25
CA ASN A 336 23.02 -1.88 -25.50
C ASN A 336 23.85 -3.11 -25.85
N PRO A 337 25.15 -3.11 -25.48
CA PRO A 337 26.05 -4.21 -25.87
C PRO A 337 25.55 -5.65 -25.65
N PRO A 338 24.72 -5.90 -24.59
CA PRO A 338 24.13 -7.24 -24.44
C PRO A 338 22.99 -7.53 -25.44
N LEU A 339 23.31 -7.46 -26.73
CA LEU A 339 22.38 -7.77 -27.80
C LEU A 339 23.04 -8.55 -28.93
N ALA A 340 24.28 -8.99 -28.68
CA ALA A 340 25.10 -9.69 -29.68
C ALA A 340 24.59 -11.10 -29.98
N THR A 341 24.09 -11.79 -28.96
CA THR A 341 23.59 -13.17 -29.09
C THR A 341 22.36 -13.23 -29.99
N ILE A 342 21.58 -12.15 -29.98
CA ILE A 342 20.39 -12.01 -30.81
C ILE A 342 20.59 -10.87 -31.85
N LEU A 343 21.86 -10.54 -32.14
CA LEU A 343 22.21 -9.68 -33.29
C LEU A 343 23.25 -10.34 -34.21
N ILE A 344 24.28 -10.94 -33.62
CA ILE A 344 25.22 -11.73 -34.38
C ILE A 344 24.85 -13.21 -34.21
N PRO A 345 24.48 -13.86 -35.32
CA PRO A 345 24.09 -15.27 -35.36
C PRO A 345 25.30 -16.15 -35.14
N PRO A 346 25.07 -17.44 -34.84
CA PRO A 346 26.17 -18.32 -34.49
C PRO A 346 27.02 -18.80 -35.67
N HIS A 347 27.09 -18.01 -36.75
CA HIS A 347 27.88 -18.39 -37.92
C HIS A 347 28.86 -17.32 -38.43
N ALA A 348 28.58 -16.05 -38.16
CA ALA A 348 29.48 -14.96 -38.57
C ALA A 348 30.44 -14.55 -37.44
N ARG A 349 30.32 -15.22 -36.30
CA ARG A 349 31.18 -14.96 -35.16
C ARG A 349 32.23 -16.05 -34.97
N SER B 1 -28.09 -8.22 74.33
CA SER B 1 -29.07 -7.53 75.24
C SER B 1 -28.49 -6.26 75.81
N LYS B 2 -27.21 -6.29 76.19
CA LYS B 2 -26.53 -5.13 76.77
C LYS B 2 -26.31 -4.02 75.75
N VAL B 3 -26.02 -2.82 76.24
CA VAL B 3 -25.90 -1.65 75.39
C VAL B 3 -24.46 -1.19 75.39
N THR B 4 -23.80 -1.31 74.24
CA THR B 4 -22.42 -0.85 74.10
C THR B 4 -22.40 0.60 73.66
N THR B 5 -21.57 1.42 74.30
CA THR B 5 -21.36 2.79 73.87
C THR B 5 -19.89 3.07 73.60
N VAL B 6 -19.56 3.14 72.31
CA VAL B 6 -18.22 3.54 71.88
C VAL B 6 -18.15 5.04 71.59
N VAL B 7 -17.00 5.50 71.11
CA VAL B 7 -16.81 6.88 70.65
C VAL B 7 -16.32 6.79 69.22
N ALA B 8 -17.20 7.13 68.29
CA ALA B 8 -16.98 6.81 66.88
C ALA B 8 -16.95 8.04 66.05
N THR B 9 -16.12 8.01 65.01
CA THR B 9 -16.06 9.09 64.04
C THR B 9 -16.95 8.76 62.86
N PRO B 10 -17.85 9.68 62.49
CA PRO B 10 -18.63 9.51 61.25
C PRO B 10 -17.70 9.30 60.06
N GLY B 11 -18.17 8.58 59.04
CA GLY B 11 -17.33 8.24 57.91
C GLY B 11 -17.20 9.33 56.85
N GLN B 12 -18.06 10.35 56.92
CA GLN B 12 -18.16 11.38 55.86
C GLN B 12 -18.04 12.83 56.35
N GLY B 13 -17.89 13.04 57.66
CA GLY B 13 -17.77 14.40 58.20
C GLY B 13 -16.34 14.89 58.31
N PRO B 14 -16.10 15.93 59.13
CA PRO B 14 -14.73 16.10 59.60
C PRO B 14 -14.48 15.09 60.72
N ASP B 15 -13.24 14.97 61.19
CA ASP B 15 -12.95 14.06 62.30
C ASP B 15 -13.54 14.66 63.57
N ARG B 16 -14.79 14.26 63.84
CA ARG B 16 -15.60 14.85 64.89
C ARG B 16 -16.36 13.74 65.61
N PRO B 17 -15.73 13.09 66.59
CA PRO B 17 -16.22 11.90 67.31
C PRO B 17 -17.59 12.06 67.98
N GLN B 18 -18.31 10.95 68.13
CA GLN B 18 -19.62 10.94 68.79
C GLN B 18 -19.79 9.71 69.67
N GLU B 19 -20.58 9.83 70.73
CA GLU B 19 -21.01 8.65 71.46
C GLU B 19 -22.06 7.97 70.60
N VAL B 20 -21.77 6.74 70.19
CA VAL B 20 -22.69 5.94 69.43
C VAL B 20 -22.98 4.75 70.31
N SER B 21 -24.25 4.53 70.66
CA SER B 21 -24.67 3.35 71.44
C SER B 21 -25.30 2.31 70.52
N TYR B 22 -24.93 1.06 70.70
CA TYR B 22 -25.57 0.00 69.96
C TYR B 22 -25.85 -1.20 70.86
N THR B 23 -26.64 -2.13 70.37
CA THR B 23 -27.14 -3.22 71.19
C THR B 23 -27.50 -4.34 70.24
N ASP B 24 -27.89 -5.50 70.77
CA ASP B 24 -28.26 -6.69 69.96
C ASP B 24 -27.08 -7.23 69.17
N THR B 25 -25.89 -6.97 69.69
CA THR B 25 -24.63 -7.34 69.09
C THR B 25 -24.45 -8.85 68.99
N LYS B 26 -24.74 -9.43 67.82
CA LYS B 26 -24.37 -10.81 67.57
C LYS B 26 -23.17 -10.81 66.62
N VAL B 27 -22.53 -11.96 66.47
CA VAL B 27 -21.43 -12.11 65.56
C VAL B 27 -21.94 -12.94 64.38
N ILE B 28 -21.76 -12.42 63.17
CA ILE B 28 -22.34 -13.06 62.03
C ILE B 28 -21.30 -13.68 61.15
N GLY B 29 -20.09 -13.15 61.18
CA GLY B 29 -18.98 -13.75 60.44
C GLY B 29 -17.71 -13.72 61.24
N ASN B 30 -16.76 -14.57 60.88
CA ASN B 30 -15.49 -14.63 61.60
C ASN B 30 -14.51 -15.42 60.77
N GLY B 31 -13.66 -14.70 60.06
CA GLY B 31 -12.64 -15.33 59.21
C GLY B 31 -11.42 -14.49 58.87
N SER B 32 -10.83 -14.82 57.72
CA SER B 32 -9.69 -14.08 57.14
C SER B 32 -9.95 -12.57 56.98
N PHE B 33 -11.21 -12.16 57.08
CA PHE B 33 -11.55 -10.78 56.95
C PHE B 33 -11.65 -10.15 58.32
N GLY B 34 -11.53 -10.98 59.34
CA GLY B 34 -11.71 -10.49 60.71
C GLY B 34 -13.05 -10.94 61.23
N VAL B 35 -13.71 -10.10 62.01
CA VAL B 35 -15.00 -10.46 62.59
C VAL B 35 -16.05 -9.44 62.18
N VAL B 36 -17.14 -9.93 61.59
CA VAL B 36 -18.30 -9.09 61.27
C VAL B 36 -19.42 -9.41 62.27
N TYR B 37 -20.00 -8.36 62.83
CA TYR B 37 -21.00 -8.40 63.89
C TYR B 37 -22.30 -7.78 63.43
N GLN B 38 -23.42 -8.27 63.90
CA GLN B 38 -24.66 -7.54 63.73
C GLN B 38 -24.97 -6.74 64.97
N ALA B 39 -25.57 -5.58 64.79
CA ALA B 39 -25.92 -4.71 65.88
C ALA B 39 -27.13 -3.85 65.51
N LYS B 40 -27.80 -3.33 66.53
CA LYS B 40 -28.89 -2.41 66.39
C LYS B 40 -28.47 -1.12 67.08
N LEU B 41 -28.55 0.00 66.36
CA LEU B 41 -28.27 1.33 66.91
C LEU B 41 -29.43 1.74 67.80
N CYS B 42 -29.14 1.98 69.07
CA CYS B 42 -30.12 2.25 70.11
C CYS B 42 -31.20 3.29 69.79
N ASP B 43 -30.80 4.42 69.24
CA ASP B 43 -31.74 5.52 69.08
C ASP B 43 -32.44 5.57 67.73
N SER B 44 -31.81 5.05 66.68
CA SER B 44 -32.46 5.06 65.38
C SER B 44 -33.24 3.78 65.09
N GLY B 45 -32.85 2.68 65.74
CA GLY B 45 -33.45 1.37 65.49
C GLY B 45 -32.83 0.66 64.31
N GLU B 46 -31.92 1.34 63.60
CA GLU B 46 -31.34 0.83 62.37
C GLU B 46 -30.41 -0.32 62.65
N LEU B 47 -30.45 -1.34 61.78
CA LEU B 47 -29.51 -2.42 61.89
C LEU B 47 -28.22 -2.01 61.22
N VAL B 48 -27.12 -2.45 61.79
CA VAL B 48 -25.80 -2.18 61.25
C VAL B 48 -24.93 -3.41 61.35
N ALA B 49 -23.90 -3.44 60.52
CA ALA B 49 -22.90 -4.46 60.60
C ALA B 49 -21.69 -3.73 61.08
N ILE B 50 -20.82 -4.44 61.77
CA ILE B 50 -19.62 -3.87 62.33
C ILE B 50 -18.52 -4.83 62.05
N LYS B 51 -17.55 -4.41 61.27
CA LYS B 51 -16.44 -5.28 60.93
C LYS B 51 -15.30 -4.85 61.81
N LYS B 52 -14.85 -5.78 62.65
CA LYS B 52 -13.67 -5.56 63.49
C LYS B 52 -12.43 -6.20 62.85
N VAL B 53 -11.46 -5.36 62.54
CA VAL B 53 -10.31 -5.75 61.73
C VAL B 53 -9.01 -5.31 62.40
N LEU B 54 -7.99 -6.15 62.29
CA LEU B 54 -6.63 -5.87 62.81
C LEU B 54 -6.03 -4.58 62.27
N GLN B 55 -5.46 -3.79 63.19
CA GLN B 55 -4.82 -2.51 62.87
C GLN B 55 -3.42 -2.54 63.47
N ASP B 56 -2.40 -2.37 62.62
CA ASP B 56 -0.97 -2.35 63.03
C ASP B 56 -0.59 -1.36 64.16
N LYS B 57 -1.56 -0.55 64.61
CA LYS B 57 -1.38 0.56 65.58
C LYS B 57 -0.53 1.74 65.08
N ARG B 58 0.64 1.45 64.51
CA ARG B 58 1.53 2.49 63.95
C ARG B 58 1.73 2.35 62.43
N PHE B 59 0.78 1.73 61.75
CA PHE B 59 0.79 1.67 60.28
C PHE B 59 -0.59 2.08 59.71
N LYS B 60 -0.57 2.67 58.51
CA LYS B 60 -1.80 3.20 57.89
C LYS B 60 -2.75 2.13 57.40
N ASN B 61 -3.98 2.19 57.90
CA ASN B 61 -5.05 1.32 57.41
C ASN B 61 -5.53 1.85 56.06
N ARG B 62 -5.46 0.97 55.05
CA ARG B 62 -5.82 1.33 53.68
C ARG B 62 -7.32 1.20 53.46
N GLU B 63 -7.92 0.20 54.10
CA GLU B 63 -9.35 -0.01 54.02
C GLU B 63 -10.09 1.23 54.54
N LEU B 64 -9.69 1.69 55.72
CA LEU B 64 -10.36 2.83 56.31
C LEU B 64 -10.40 4.02 55.37
N GLN B 65 -9.25 4.42 54.88
CA GLN B 65 -9.18 5.62 54.05
C GLN B 65 -9.87 5.51 52.71
N ILE B 66 -9.95 4.30 52.15
CA ILE B 66 -10.78 4.08 50.97
C ILE B 66 -12.24 4.15 51.39
N MET B 67 -12.60 3.48 52.49
CA MET B 67 -14.01 3.45 52.89
C MET B 67 -14.58 4.82 53.17
N ARG B 68 -13.78 5.67 53.78
CA ARG B 68 -14.17 7.05 54.05
C ARG B 68 -14.33 7.91 52.79
N LYS B 69 -13.85 7.43 51.65
CA LYS B 69 -13.94 8.15 50.39
C LYS B 69 -15.29 7.92 49.69
N LEU B 70 -15.67 6.65 49.54
CA LEU B 70 -16.80 6.25 48.71
C LEU B 70 -18.18 6.64 49.26
N ASP B 71 -19.12 6.90 48.35
CA ASP B 71 -20.53 7.11 48.69
C ASP B 71 -21.43 6.84 47.52
N HIS B 72 -21.81 5.57 47.41
CA HIS B 72 -22.56 5.02 46.33
C HIS B 72 -23.51 3.99 46.92
N CYS B 73 -24.76 4.03 46.45
CA CYS B 73 -25.82 3.14 46.91
C CYS B 73 -25.47 1.67 46.81
N ASN B 74 -24.69 1.31 45.78
CA ASN B 74 -24.23 -0.07 45.58
C ASN B 74 -22.94 -0.40 46.29
N ILE B 75 -22.55 0.45 47.22
CA ILE B 75 -21.45 0.16 48.12
C ILE B 75 -21.94 0.27 49.55
N VAL B 76 -21.44 -0.58 50.41
CA VAL B 76 -21.80 -0.57 51.80
C VAL B 76 -21.16 0.67 52.37
N ARG B 77 -22.00 1.56 52.89
CA ARG B 77 -21.56 2.81 53.43
C ARG B 77 -20.93 2.63 54.80
N LEU B 78 -19.80 3.30 55.00
CA LEU B 78 -19.18 3.42 56.31
C LEU B 78 -19.90 4.52 57.09
N ARG B 79 -20.62 4.13 58.13
CA ARG B 79 -21.35 5.13 58.90
C ARG B 79 -20.39 5.66 59.93
N TYR B 80 -19.78 4.78 60.71
CA TYR B 80 -18.80 5.20 61.70
C TYR B 80 -17.57 4.31 61.65
N PHE B 81 -16.53 4.76 62.33
CA PHE B 81 -15.41 3.90 62.65
C PHE B 81 -14.92 4.26 64.04
N PHE B 82 -14.49 3.25 64.79
CA PHE B 82 -13.96 3.45 66.13
C PHE B 82 -12.98 2.33 66.49
N TYR B 83 -12.35 2.46 67.65
CA TYR B 83 -11.27 1.58 68.00
C TYR B 83 -11.55 0.85 69.30
N SER B 84 -10.96 -0.35 69.41
CA SER B 84 -11.02 -1.21 70.60
C SER B 84 -9.88 -2.25 70.55
N SER B 85 -10.16 -3.52 70.89
CA SER B 85 -9.09 -4.51 71.16
C SER B 85 -9.26 -5.91 70.53
N VAL B 92 -4.43 -3.00 68.86
CA VAL B 92 -5.58 -2.11 68.67
C VAL B 92 -6.33 -2.46 67.37
N TYR B 93 -7.67 -2.47 67.42
CA TYR B 93 -8.50 -2.91 66.28
C TYR B 93 -9.43 -1.85 65.73
N LEU B 94 -9.52 -1.82 64.41
CA LEU B 94 -10.38 -0.87 63.74
C LEU B 94 -11.78 -1.45 63.61
N ASN B 95 -12.78 -0.64 63.94
CA ASN B 95 -14.17 -1.09 63.87
C ASN B 95 -14.90 -0.27 62.85
N LEU B 96 -15.43 -0.94 61.84
CA LEU B 96 -16.12 -0.23 60.79
C LEU B 96 -17.62 -0.50 60.89
N VAL B 97 -18.37 0.50 61.33
CA VAL B 97 -19.84 0.37 61.47
C VAL B 97 -20.44 0.69 60.11
N LEU B 98 -21.01 -0.34 59.52
CA LEU B 98 -21.46 -0.35 58.14
C LEU B 98 -22.96 -0.54 58.06
N ASP B 99 -23.55 -0.22 56.91
CA ASP B 99 -24.94 -0.59 56.67
C ASP B 99 -25.03 -2.10 56.89
N TYR B 100 -26.20 -2.55 57.31
CA TYR B 100 -26.45 -3.97 57.34
C TYR B 100 -27.20 -4.34 56.04
N VAL B 101 -26.80 -5.46 55.46
CA VAL B 101 -27.45 -5.98 54.28
C VAL B 101 -27.55 -7.46 54.53
N PRO B 102 -28.76 -8.03 54.55
CA PRO B 102 -28.90 -9.38 55.08
C PRO B 102 -28.28 -10.53 54.26
N GLU B 103 -28.46 -10.56 52.95
CA GLU B 103 -28.08 -11.75 52.21
C GLU B 103 -26.80 -11.51 51.36
N THR B 104 -26.14 -12.58 50.89
CA THR B 104 -24.99 -12.44 49.97
C THR B 104 -25.28 -13.24 48.69
N VAL B 105 -24.67 -12.83 47.57
CA VAL B 105 -24.91 -13.47 46.27
C VAL B 105 -24.46 -14.91 46.39
N TYR B 106 -23.46 -15.16 47.21
CA TYR B 106 -22.96 -16.53 47.45
C TYR B 106 -24.01 -17.47 48.06
N ARG B 107 -24.72 -17.03 49.08
CA ARG B 107 -25.72 -17.88 49.73
C ARG B 107 -26.96 -18.04 48.87
N VAL B 108 -27.34 -16.95 48.22
CA VAL B 108 -28.46 -17.01 47.30
C VAL B 108 -28.10 -17.98 46.19
N ALA B 109 -26.95 -17.81 45.55
CA ALA B 109 -26.59 -18.70 44.42
C ALA B 109 -26.60 -20.18 44.80
N ARG B 110 -26.35 -20.46 46.08
CA ARG B 110 -26.18 -21.79 46.58
C ARG B 110 -27.49 -22.37 47.01
N HIS B 111 -28.40 -21.54 47.49
CA HIS B 111 -29.78 -21.97 47.69
C HIS B 111 -30.33 -22.47 46.35
N TYR B 112 -30.04 -21.74 45.27
CA TYR B 112 -30.55 -22.12 43.98
C TYR B 112 -29.88 -23.38 43.52
N SER B 113 -28.57 -23.42 43.67
CA SER B 113 -27.73 -24.54 43.25
C SER B 113 -28.16 -25.83 43.94
N ARG B 114 -28.43 -25.75 45.24
CA ARG B 114 -28.84 -26.91 46.01
C ARG B 114 -30.24 -27.35 45.69
N ALA B 115 -30.96 -26.53 44.94
CA ALA B 115 -32.34 -26.85 44.55
C ALA B 115 -32.41 -27.10 43.06
N LYS B 116 -31.24 -27.33 42.44
CA LYS B 116 -31.17 -27.64 41.01
C LYS B 116 -32.03 -26.64 40.21
N GLN B 117 -31.79 -25.36 40.50
CA GLN B 117 -32.59 -24.26 40.01
C GLN B 117 -31.69 -23.10 39.62
N THR B 118 -31.89 -22.57 38.42
CA THR B 118 -31.13 -21.41 37.99
C THR B 118 -31.65 -20.16 38.71
N LEU B 119 -30.82 -19.13 38.88
CA LEU B 119 -31.27 -17.87 39.44
C LEU B 119 -31.92 -17.10 38.31
N PRO B 120 -33.21 -16.75 38.44
CA PRO B 120 -33.91 -15.99 37.41
C PRO B 120 -33.02 -14.91 36.83
N VAL B 121 -32.81 -15.01 35.52
CA VAL B 121 -32.01 -14.05 34.77
C VAL B 121 -32.25 -12.58 35.18
N ILE B 122 -33.49 -12.26 35.54
CA ILE B 122 -33.86 -10.91 35.98
C ILE B 122 -33.07 -10.49 37.21
N TYR B 123 -32.84 -11.42 38.12
CA TYR B 123 -32.04 -11.11 39.28
C TYR B 123 -30.55 -11.06 38.90
N VAL B 124 -30.16 -11.83 37.89
CA VAL B 124 -28.80 -11.78 37.38
C VAL B 124 -28.56 -10.40 36.78
N LYS B 125 -29.53 -9.88 36.04
CA LYS B 125 -29.39 -8.56 35.45
C LYS B 125 -29.23 -7.47 36.52
N LEU B 126 -30.12 -7.48 37.51
CA LEU B 126 -30.11 -6.50 38.59
C LEU B 126 -28.81 -6.57 39.36
N TYR B 127 -28.53 -7.75 39.90
CA TYR B 127 -27.33 -7.97 40.70
C TYR B 127 -26.07 -7.60 39.92
N MET B 128 -25.96 -8.08 38.68
CA MET B 128 -24.82 -7.71 37.82
C MET B 128 -24.72 -6.22 37.57
N TYR B 129 -25.80 -5.62 37.10
CA TYR B 129 -25.86 -4.20 36.85
C TYR B 129 -25.32 -3.39 38.01
N GLN B 130 -25.75 -3.73 39.22
CA GLN B 130 -25.38 -2.95 40.38
C GLN B 130 -23.95 -3.19 40.78
N LEU B 131 -23.43 -4.39 40.51
CA LEU B 131 -21.98 -4.66 40.67
C LEU B 131 -21.21 -3.76 39.71
N PHE B 132 -21.56 -3.86 38.43
CA PHE B 132 -20.93 -3.03 37.43
C PHE B 132 -20.96 -1.55 37.69
N ARG B 133 -22.07 -1.04 38.21
CA ARG B 133 -22.11 0.39 38.57
C ARG B 133 -21.14 0.69 39.71
N SER B 134 -21.07 -0.19 40.70
CA SER B 134 -20.18 0.06 41.83
C SER B 134 -18.74 0.01 41.37
N LEU B 135 -18.39 -0.93 40.48
CA LEU B 135 -17.01 -0.97 40.00
C LEU B 135 -16.71 0.33 39.31
N ALA B 136 -17.58 0.72 38.36
CA ALA B 136 -17.46 1.99 37.66
C ALA B 136 -17.22 3.12 38.65
N TYR B 137 -17.80 2.99 39.85
CA TYR B 137 -17.59 3.97 40.90
C TYR B 137 -16.16 3.99 41.46
N ILE B 138 -15.70 2.87 42.00
CA ILE B 138 -14.37 2.76 42.63
C ILE B 138 -13.22 2.85 41.61
N HIS B 139 -13.56 2.72 40.33
CA HIS B 139 -12.55 2.69 39.27
C HIS B 139 -12.17 4.06 38.78
N SER B 140 -13.16 4.96 38.73
CA SER B 140 -12.91 6.38 38.47
C SER B 140 -11.94 6.99 39.47
N PHE B 141 -11.86 6.40 40.67
CA PHE B 141 -10.89 6.80 41.68
C PHE B 141 -9.60 5.98 41.58
N GLY B 142 -9.57 5.04 40.63
CA GLY B 142 -8.40 4.19 40.44
C GLY B 142 -8.20 3.14 41.52
N ILE B 143 -9.27 2.86 42.28
CA ILE B 143 -9.28 1.84 43.34
C ILE B 143 -9.77 0.53 42.73
N CYS B 144 -8.98 -0.51 42.87
CA CYS B 144 -9.34 -1.80 42.34
C CYS B 144 -9.65 -2.70 43.51
N HIS B 145 -10.81 -3.34 43.48
CA HIS B 145 -11.29 -4.09 44.63
C HIS B 145 -10.40 -5.31 44.98
N ARG B 146 -10.20 -6.19 44.00
CA ARG B 146 -9.19 -7.27 44.05
C ARG B 146 -9.76 -8.40 44.88
N ASP B 147 -11.08 -8.49 44.87
CA ASP B 147 -11.72 -9.52 45.64
C ASP B 147 -13.18 -9.59 45.32
N ILE B 148 -13.50 -9.35 44.05
CA ILE B 148 -14.86 -9.44 43.57
C ILE B 148 -15.18 -10.91 43.61
N LYS B 149 -16.34 -11.24 44.12
CA LYS B 149 -16.80 -12.64 44.31
C LYS B 149 -18.11 -12.73 45.05
N PRO B 150 -18.85 -13.82 44.79
CA PRO B 150 -20.14 -13.96 45.41
C PRO B 150 -20.14 -13.56 46.88
N GLN B 151 -19.22 -14.00 47.73
CA GLN B 151 -19.34 -13.59 49.11
C GLN B 151 -19.23 -12.09 49.35
N ASN B 152 -18.72 -11.32 48.40
CA ASN B 152 -18.49 -9.89 48.64
C ASN B 152 -19.55 -9.03 48.01
N LEU B 153 -20.60 -9.67 47.54
CA LEU B 153 -21.72 -8.96 46.97
C LEU B 153 -22.89 -9.16 47.90
N LEU B 154 -23.20 -8.14 48.68
CA LEU B 154 -24.36 -8.24 49.58
C LEU B 154 -25.67 -7.89 48.88
N LEU B 155 -26.72 -8.64 49.19
CA LEU B 155 -28.09 -8.40 48.68
C LEU B 155 -29.10 -8.19 49.79
N ASP B 156 -30.06 -7.33 49.50
CA ASP B 156 -31.35 -7.33 50.17
C ASP B 156 -32.33 -7.89 49.13
N PRO B 157 -32.92 -9.05 49.45
CA PRO B 157 -33.80 -9.83 48.57
C PRO B 157 -35.14 -9.18 48.26
N ASP B 158 -35.70 -8.40 49.18
CA ASP B 158 -37.01 -7.79 48.97
C ASP B 158 -36.90 -6.63 48.02
N THR B 159 -35.77 -5.93 48.06
CA THR B 159 -35.59 -4.75 47.27
C THR B 159 -34.67 -4.99 46.07
N ALA B 160 -33.97 -6.13 46.05
CA ALA B 160 -32.97 -6.45 44.99
C ALA B 160 -31.76 -5.50 44.94
N VAL B 161 -31.55 -4.73 45.99
CA VAL B 161 -30.39 -3.89 46.09
C VAL B 161 -29.19 -4.77 46.33
N LEU B 162 -28.20 -4.64 45.45
CA LEU B 162 -26.88 -5.23 45.70
C LEU B 162 -25.95 -4.17 46.20
N LYS B 163 -25.18 -4.53 47.23
CA LYS B 163 -24.13 -3.66 47.72
C LYS B 163 -22.75 -4.38 47.87
N LEU B 164 -21.78 -3.89 47.12
CA LEU B 164 -20.41 -4.36 47.16
C LEU B 164 -19.80 -4.13 48.52
N CYS B 165 -19.02 -5.07 49.06
CA CYS B 165 -18.41 -4.83 50.35
C CYS B 165 -17.00 -5.40 50.48
N ASP B 166 -16.37 -5.17 51.62
CA ASP B 166 -15.09 -5.78 51.93
C ASP B 166 -14.02 -5.26 50.98
N PHE B 167 -13.35 -4.24 51.49
CA PHE B 167 -12.36 -3.48 50.79
C PHE B 167 -11.01 -3.74 51.43
N GLY B 168 -10.91 -4.87 52.13
CA GLY B 168 -9.72 -5.28 52.87
C GLY B 168 -8.56 -5.73 52.00
N SER B 169 -8.81 -5.83 50.69
CA SER B 169 -7.78 -6.10 49.71
C SER B 169 -7.69 -4.98 48.68
N ALA B 170 -8.55 -3.98 48.79
CA ALA B 170 -8.61 -2.94 47.79
C ALA B 170 -7.45 -2.01 47.98
N LYS B 171 -6.90 -1.58 46.86
CA LYS B 171 -5.70 -0.75 46.85
C LYS B 171 -5.87 0.35 45.82
N GLN B 172 -5.34 1.51 46.12
CA GLN B 172 -5.32 2.58 45.14
C GLN B 172 -4.15 2.26 44.17
N LEU B 173 -4.49 1.76 42.99
CA LEU B 173 -3.49 1.33 42.00
C LEU B 173 -2.78 2.49 41.29
N VAL B 174 -1.45 2.50 41.38
CA VAL B 174 -0.65 3.57 40.80
C VAL B 174 0.06 3.05 39.54
N ARG B 175 0.03 3.82 38.44
CA ARG B 175 0.69 3.38 37.21
C ARG B 175 2.17 3.62 37.36
N GLY B 176 2.93 2.54 37.29
CA GLY B 176 4.36 2.58 37.60
C GLY B 176 4.66 1.89 38.92
N GLU B 177 3.60 1.47 39.61
CA GLU B 177 3.75 0.77 40.87
C GLU B 177 3.54 -0.74 40.75
N PRO B 178 4.39 -1.54 41.42
CA PRO B 178 4.23 -2.99 41.52
C PRO B 178 3.16 -3.38 42.57
N ASN B 179 2.33 -4.36 42.22
CA ASN B 179 1.37 -4.89 43.17
C ASN B 179 1.47 -6.41 43.28
N VAL B 180 0.94 -6.99 44.37
CA VAL B 180 0.96 -8.46 44.54
C VAL B 180 0.08 -9.16 43.50
N SER B 181 0.58 -10.27 42.96
CA SER B 181 -0.13 -10.97 41.87
C SER B 181 -0.97 -12.13 42.40
N PTR B 182 -0.61 -12.63 43.57
CA PTR B 182 -1.41 -13.61 44.24
C PTR B 182 -2.43 -12.81 45.02
O PTR B 182 -2.20 -12.39 46.15
CB PTR B 182 -0.62 -14.54 45.16
CG PTR B 182 -1.33 -15.84 45.50
CD1 PTR B 182 -1.75 -16.73 44.50
CD2 PTR B 182 -1.61 -16.17 46.82
CE1 PTR B 182 -2.41 -17.92 44.82
CE2 PTR B 182 -2.26 -17.35 47.16
CZ PTR B 182 -2.67 -18.22 46.16
OH PTR B 182 -3.23 -19.28 46.47
P PTR B 182 -4.81 -19.52 46.29
O1P PTR B 182 -5.01 -19.84 44.86
O2P PTR B 182 -5.54 -18.24 46.78
O3P PTR B 182 -5.32 -20.63 47.23
N ILE B 183 -3.57 -12.57 44.38
CA ILE B 183 -4.63 -11.78 44.96
C ILE B 183 -5.93 -12.25 44.27
N CYS B 184 -7.08 -11.85 44.84
CA CYS B 184 -8.41 -12.37 44.52
C CYS B 184 -8.47 -13.81 44.96
N SER B 185 -9.69 -14.35 45.03
CA SER B 185 -9.92 -15.76 45.30
C SER B 185 -9.69 -16.48 44.01
N ARG B 186 -9.15 -17.70 44.12
CA ARG B 186 -8.72 -18.47 42.96
C ARG B 186 -9.69 -18.49 41.81
N TYR B 187 -10.98 -18.70 42.08
CA TYR B 187 -11.93 -18.94 41.02
C TYR B 187 -12.17 -17.68 40.24
N TYR B 188 -11.87 -16.55 40.88
CA TYR B 188 -12.18 -15.26 40.33
C TYR B 188 -10.92 -14.54 39.86
N ARG B 189 -9.77 -15.07 40.30
CA ARG B 189 -8.47 -14.57 39.90
C ARG B 189 -8.26 -14.46 38.39
N ALA B 190 -8.05 -13.23 37.92
CA ALA B 190 -7.82 -12.96 36.50
C ALA B 190 -6.52 -13.62 36.00
N PRO B 191 -6.49 -14.06 34.74
CA PRO B 191 -5.39 -14.90 34.29
C PRO B 191 -4.05 -14.19 34.41
N GLU B 192 -3.97 -12.93 34.02
CA GLU B 192 -2.73 -12.17 34.20
C GLU B 192 -2.10 -12.37 35.58
N LEU B 193 -2.94 -12.28 36.62
CA LEU B 193 -2.57 -12.46 38.01
C LEU B 193 -1.97 -13.82 38.23
N ILE B 194 -2.61 -14.83 37.66
CA ILE B 194 -2.07 -16.18 37.62
C ILE B 194 -0.64 -16.13 37.05
N PHE B 195 -0.46 -15.61 35.84
CA PHE B 195 0.89 -15.39 35.30
C PHE B 195 1.66 -14.31 36.05
N GLY B 196 1.65 -14.37 37.39
CA GLY B 196 2.53 -13.53 38.20
C GLY B 196 2.71 -12.06 37.80
N ALA B 197 1.73 -11.46 37.14
CA ALA B 197 1.84 -10.05 36.74
C ALA B 197 1.84 -9.15 37.96
N THR B 198 2.79 -8.22 37.97
CA THR B 198 2.96 -7.29 39.08
C THR B 198 2.36 -5.91 38.81
N ASP B 199 1.92 -5.69 37.57
CA ASP B 199 1.54 -4.35 37.10
C ASP B 199 0.11 -4.25 36.58
N TYR B 200 -0.72 -5.18 37.03
CA TYR B 200 -2.07 -5.33 36.54
C TYR B 200 -2.96 -4.12 36.73
N THR B 201 -3.71 -3.81 35.67
CA THR B 201 -4.69 -2.71 35.70
C THR B 201 -5.87 -3.11 36.59
N SER B 202 -6.93 -2.33 36.52
CA SER B 202 -8.08 -2.58 37.32
C SER B 202 -9.11 -3.32 36.50
N SER B 203 -8.66 -4.04 35.49
CA SER B 203 -9.58 -4.83 34.68
C SER B 203 -9.64 -6.23 35.27
N ILE B 204 -8.93 -6.41 36.38
CA ILE B 204 -8.99 -7.65 37.07
C ILE B 204 -10.39 -7.80 37.64
N ASP B 205 -10.88 -6.78 38.36
CA ASP B 205 -12.22 -6.84 39.04
C ASP B 205 -13.24 -7.34 38.03
N VAL B 206 -13.24 -6.67 36.86
CA VAL B 206 -14.08 -7.06 35.75
C VAL B 206 -13.98 -8.55 35.40
N TRP B 207 -12.78 -9.15 35.45
CA TRP B 207 -12.65 -10.59 35.28
C TRP B 207 -13.41 -11.26 36.43
N SER B 208 -13.15 -10.86 37.69
CA SER B 208 -13.81 -11.52 38.79
C SER B 208 -15.29 -11.39 38.52
N ALA B 209 -15.72 -10.25 37.97
CA ALA B 209 -17.18 -10.08 37.86
C ALA B 209 -17.73 -10.89 36.70
N GLY B 210 -16.95 -10.96 35.60
CA GLY B 210 -17.26 -11.85 34.50
C GLY B 210 -17.53 -13.24 35.05
N CYS B 211 -16.64 -13.71 35.91
CA CYS B 211 -16.74 -15.01 36.56
C CYS B 211 -18.00 -15.12 37.42
N VAL B 212 -18.32 -14.04 38.13
CA VAL B 212 -19.56 -14.00 38.92
C VAL B 212 -20.76 -14.16 38.01
N LEU B 213 -20.85 -13.31 37.02
CA LEU B 213 -21.90 -13.45 36.05
C LEU B 213 -21.98 -14.90 35.55
N ALA B 214 -20.90 -15.42 34.97
CA ALA B 214 -20.92 -16.76 34.39
C ALA B 214 -21.39 -17.81 35.39
N GLU B 215 -20.92 -17.74 36.64
CA GLU B 215 -21.38 -18.61 37.73
C GLU B 215 -22.91 -18.51 38.00
N LEU B 216 -23.45 -17.30 37.94
CA LEU B 216 -24.89 -17.10 38.16
C LEU B 216 -25.73 -17.75 37.08
N LEU B 217 -25.16 -17.85 35.89
CA LEU B 217 -25.83 -18.45 34.73
C LEU B 217 -25.59 -19.95 34.71
N LEU B 218 -24.37 -20.34 35.07
CA LEU B 218 -23.98 -21.75 35.07
C LEU B 218 -24.53 -22.55 36.24
N GLY B 219 -24.75 -21.87 37.38
CA GLY B 219 -25.14 -22.57 38.61
C GLY B 219 -23.96 -23.12 39.40
N GLN B 220 -22.75 -22.82 38.93
CA GLN B 220 -21.52 -23.26 39.57
C GLN B 220 -20.37 -22.42 39.01
N PRO B 221 -19.24 -22.34 39.75
CA PRO B 221 -18.16 -21.49 39.29
C PRO B 221 -17.75 -21.94 37.90
N ILE B 222 -17.19 -21.06 37.08
CA ILE B 222 -16.87 -21.44 35.72
C ILE B 222 -15.43 -21.98 35.60
N PHE B 223 -14.55 -21.50 36.46
CA PHE B 223 -13.17 -21.96 36.49
C PHE B 223 -12.83 -22.45 37.91
N PRO B 224 -13.33 -23.63 38.31
CA PRO B 224 -13.05 -24.07 39.67
C PRO B 224 -11.75 -24.87 39.78
N GLY B 225 -10.61 -24.22 39.53
CA GLY B 225 -9.33 -24.90 39.62
C GLY B 225 -9.02 -25.38 41.03
N ASP B 226 -8.45 -26.57 41.18
CA ASP B 226 -8.25 -27.14 42.51
C ASP B 226 -6.88 -26.82 43.10
N SER B 227 -6.19 -25.86 42.49
CA SER B 227 -4.96 -25.28 43.00
C SER B 227 -4.62 -24.05 42.17
N GLY B 228 -3.72 -23.20 42.67
CA GLY B 228 -3.31 -21.98 41.97
C GLY B 228 -2.88 -22.29 40.56
N VAL B 229 -2.21 -23.44 40.43
CA VAL B 229 -1.68 -23.96 39.18
C VAL B 229 -2.78 -24.59 38.32
N ASP B 230 -3.68 -25.36 38.94
CA ASP B 230 -4.78 -25.96 38.16
C ASP B 230 -5.72 -24.89 37.60
N GLN B 231 -5.80 -23.77 38.31
CA GLN B 231 -6.69 -22.65 37.97
C GLN B 231 -6.58 -22.20 36.51
N LEU B 232 -5.40 -22.35 35.93
CA LEU B 232 -5.18 -21.95 34.54
C LEU B 232 -5.70 -22.99 33.56
N VAL B 233 -5.51 -24.25 33.94
CA VAL B 233 -5.99 -25.41 33.20
C VAL B 233 -7.50 -25.27 33.03
N GLU B 234 -8.17 -24.79 34.08
CA GLU B 234 -9.60 -24.56 34.01
C GLU B 234 -10.03 -23.42 33.07
N ILE B 235 -9.21 -22.40 32.92
CA ILE B 235 -9.56 -21.27 32.05
C ILE B 235 -9.28 -21.63 30.60
N ILE B 236 -8.14 -22.30 30.35
CA ILE B 236 -7.84 -22.78 28.99
C ILE B 236 -8.96 -23.68 28.50
N LYS B 237 -9.37 -24.64 29.32
CA LYS B 237 -10.50 -25.53 29.02
C LYS B 237 -11.66 -24.83 28.29
N VAL B 238 -11.83 -23.52 28.53
CA VAL B 238 -12.87 -22.73 27.88
C VAL B 238 -12.26 -21.83 26.84
N LEU B 239 -11.53 -20.84 27.32
CA LEU B 239 -10.94 -19.81 26.47
C LEU B 239 -9.97 -20.38 25.44
N GLY B 240 -9.12 -21.30 25.89
CA GLY B 240 -8.09 -21.89 25.05
C GLY B 240 -6.73 -21.45 25.54
N THR B 241 -5.69 -21.85 24.83
CA THR B 241 -4.35 -21.41 25.18
C THR B 241 -4.19 -19.94 24.79
N PRO B 242 -3.69 -19.12 25.73
CA PRO B 242 -3.35 -17.74 25.41
C PRO B 242 -2.22 -17.67 24.40
N THR B 243 -2.44 -16.87 23.35
CA THR B 243 -1.42 -16.62 22.35
C THR B 243 -0.25 -15.89 23.04
N ARG B 244 0.98 -16.16 22.62
CA ARG B 244 2.16 -15.47 23.18
C ARG B 244 1.89 -13.97 23.35
N GLU B 245 1.50 -13.34 22.23
CA GLU B 245 0.91 -12.00 22.22
C GLU B 245 0.09 -11.72 23.49
N GLN B 246 -0.93 -12.53 23.74
CA GLN B 246 -1.81 -12.37 24.90
C GLN B 246 -1.00 -12.52 26.20
N ILE B 247 -0.16 -13.55 26.27
CA ILE B 247 0.71 -13.82 27.41
C ILE B 247 1.58 -12.61 27.77
N ARG B 248 2.21 -12.03 26.77
CA ARG B 248 2.98 -10.80 26.95
C ARG B 248 2.03 -9.68 27.41
N GLU B 249 0.88 -9.59 26.73
CA GLU B 249 -0.12 -8.53 26.94
C GLU B 249 -0.80 -8.62 28.30
N MET B 250 -0.55 -9.74 28.97
CA MET B 250 -0.99 -9.97 30.36
C MET B 250 0.16 -9.57 31.27
N ASN B 251 1.35 -10.07 30.94
CA ASN B 251 2.55 -9.85 31.72
C ASN B 251 3.81 -10.09 30.87
N PRO B 252 4.62 -9.04 30.67
CA PRO B 252 5.90 -9.16 29.97
C PRO B 252 6.84 -10.22 30.60
N ASN B 253 6.74 -11.44 30.07
CA ASN B 253 7.53 -12.60 30.50
C ASN B 253 7.34 -13.78 29.54
N GLU B 256 7.94 -19.44 30.61
CA GLU B 256 7.12 -18.93 31.71
C GLU B 256 6.34 -20.04 32.43
N PHE B 257 5.75 -20.95 31.65
CA PHE B 257 4.94 -22.07 32.16
C PHE B 257 4.86 -23.09 31.00
N LYS B 258 5.11 -24.36 31.29
CA LYS B 258 5.05 -25.42 30.27
C LYS B 258 3.62 -25.72 29.84
N PHE B 259 3.30 -25.45 28.56
CA PHE B 259 1.93 -25.66 28.04
C PHE B 259 1.83 -26.12 26.58
N PRO B 260 0.79 -26.93 26.27
CA PRO B 260 0.43 -27.24 24.89
C PRO B 260 -0.62 -26.24 24.42
N GLN B 261 -1.05 -26.34 23.16
CA GLN B 261 -2.02 -25.39 22.63
C GLN B 261 -3.43 -26.00 22.46
N ILE B 262 -4.20 -26.03 23.56
CA ILE B 262 -5.61 -26.49 23.55
C ILE B 262 -6.48 -25.47 22.81
N LYS B 263 -7.35 -25.98 21.90
CA LYS B 263 -8.23 -25.13 21.10
C LYS B 263 -9.28 -24.49 21.98
N ALA B 264 -9.91 -23.42 21.46
CA ALA B 264 -10.93 -22.71 22.22
C ALA B 264 -12.20 -23.53 22.38
N HIS B 265 -13.13 -23.05 23.19
CA HIS B 265 -14.42 -23.70 23.30
C HIS B 265 -15.53 -22.66 23.08
N PRO B 266 -16.35 -22.85 22.03
CA PRO B 266 -17.40 -21.89 21.67
C PRO B 266 -18.24 -21.47 22.87
N TRP B 267 -18.62 -20.20 22.88
CA TRP B 267 -19.30 -19.61 24.03
C TRP B 267 -20.71 -20.14 24.34
N THR B 268 -21.57 -20.24 23.32
CA THR B 268 -22.92 -20.78 23.51
C THR B 268 -22.90 -22.28 23.91
N LYS B 269 -21.74 -22.92 23.74
CA LYS B 269 -21.54 -24.33 24.10
C LYS B 269 -21.31 -24.50 25.60
N VAL B 270 -20.89 -23.43 26.26
CA VAL B 270 -20.53 -23.44 27.68
C VAL B 270 -21.76 -23.48 28.58
N PHE B 271 -22.73 -22.60 28.29
CA PHE B 271 -23.92 -22.45 29.13
C PHE B 271 -25.07 -23.36 28.73
N ARG B 272 -26.09 -23.39 29.57
CA ARG B 272 -27.36 -24.05 29.27
C ARG B 272 -27.79 -23.68 27.85
N PRO B 273 -28.44 -24.61 27.14
CA PRO B 273 -28.95 -24.26 25.80
C PRO B 273 -29.97 -23.10 25.80
N ARG B 274 -30.61 -22.83 26.94
CA ARG B 274 -31.64 -21.79 27.04
C ARG B 274 -31.15 -20.37 27.37
N THR B 275 -29.94 -20.27 27.95
CA THR B 275 -29.34 -19.00 28.37
C THR B 275 -29.47 -17.88 27.33
N PRO B 276 -30.00 -16.70 27.74
CA PRO B 276 -30.13 -15.54 26.84
C PRO B 276 -28.90 -15.35 25.94
N PRO B 277 -29.09 -14.83 24.70
CA PRO B 277 -27.95 -14.65 23.80
C PRO B 277 -27.09 -13.47 24.22
N GLU B 278 -27.75 -12.40 24.66
CA GLU B 278 -27.12 -11.15 25.04
C GLU B 278 -26.22 -11.32 26.27
N ALA B 279 -26.59 -12.23 27.16
CA ALA B 279 -25.79 -12.54 28.35
C ALA B 279 -24.42 -13.19 28.00
N ILE B 280 -24.45 -14.17 27.10
CA ILE B 280 -23.24 -14.86 26.65
C ILE B 280 -22.31 -13.91 25.88
N ALA B 281 -22.90 -12.98 25.15
CA ALA B 281 -22.13 -11.94 24.48
C ALA B 281 -21.35 -11.11 25.52
N LEU B 282 -21.97 -10.86 26.67
CA LEU B 282 -21.34 -10.08 27.72
C LEU B 282 -20.14 -10.82 28.33
N CYS B 283 -20.33 -12.07 28.72
CA CYS B 283 -19.23 -12.86 29.28
C CYS B 283 -18.00 -12.86 28.39
N SER B 284 -18.20 -13.19 27.12
CA SER B 284 -17.12 -13.21 26.15
C SER B 284 -16.35 -11.90 26.16
N ARG B 285 -17.05 -10.80 26.50
CA ARG B 285 -16.39 -9.49 26.63
C ARG B 285 -16.01 -9.15 28.10
N LEU B 286 -16.30 -10.04 29.02
CA LEU B 286 -15.75 -9.89 30.38
C LEU B 286 -14.58 -10.84 30.54
N LEU B 287 -14.84 -12.13 30.34
CA LEU B 287 -13.79 -13.14 30.43
C LEU B 287 -12.89 -13.12 29.17
N GLU B 288 -11.84 -12.29 29.25
CA GLU B 288 -10.92 -12.08 28.12
C GLU B 288 -9.47 -12.20 28.55
N TYR B 289 -8.70 -12.97 27.78
CA TYR B 289 -7.28 -13.11 28.05
C TYR B 289 -6.52 -11.80 28.19
N THR B 290 -7.05 -10.72 27.60
CA THR B 290 -6.38 -9.46 27.80
C THR B 290 -7.25 -8.44 28.46
N PRO B 291 -6.64 -7.79 29.46
CA PRO B 291 -7.20 -6.61 30.16
C PRO B 291 -7.64 -5.58 29.10
N THR B 292 -6.67 -5.05 28.31
CA THR B 292 -7.07 -4.03 27.32
C THR B 292 -8.32 -4.52 26.59
N ALA B 293 -8.35 -5.79 26.15
CA ALA B 293 -9.62 -6.29 25.53
C ALA B 293 -10.94 -6.06 26.34
N ARG B 294 -10.98 -6.51 27.64
CA ARG B 294 -12.27 -6.51 28.35
C ARG B 294 -12.94 -5.16 28.40
N LEU B 295 -14.28 -5.15 28.28
CA LEU B 295 -15.12 -3.97 28.59
C LEU B 295 -14.80 -3.33 29.95
N THR B 296 -14.96 -2.01 30.01
CA THR B 296 -14.85 -1.30 31.27
C THR B 296 -16.17 -1.50 32.01
N PRO B 297 -16.16 -1.37 33.36
CA PRO B 297 -17.37 -1.47 34.15
C PRO B 297 -18.52 -0.65 33.59
N LEU B 298 -18.22 0.61 33.27
CA LEU B 298 -19.23 1.53 32.80
C LEU B 298 -19.75 1.10 31.44
N GLU B 299 -18.87 0.54 30.60
CA GLU B 299 -19.28 0.04 29.28
C GLU B 299 -20.26 -1.11 29.48
N ALA B 300 -19.92 -1.98 30.44
CA ALA B 300 -20.72 -3.13 30.81
C ALA B 300 -22.12 -2.75 31.24
N CYS B 301 -22.25 -1.63 31.93
CA CYS B 301 -23.58 -1.12 32.29
C CYS B 301 -24.42 -0.79 31.07
N ALA B 302 -23.79 -0.25 30.04
CA ALA B 302 -24.48 0.10 28.81
C ALA B 302 -24.91 -1.12 28.01
N HIS B 303 -24.40 -2.30 28.38
CA HIS B 303 -24.61 -3.51 27.59
C HIS B 303 -26.06 -3.89 27.50
N SER B 304 -26.52 -4.20 26.28
CA SER B 304 -27.92 -4.46 25.99
C SER B 304 -28.57 -5.57 26.85
N PHE B 305 -27.73 -6.32 27.56
CA PHE B 305 -28.20 -7.33 28.51
C PHE B 305 -28.95 -6.66 29.66
N PHE B 306 -28.65 -5.38 29.88
CA PHE B 306 -29.28 -4.59 30.93
C PHE B 306 -30.36 -3.67 30.39
N ASP B 307 -30.96 -4.05 29.27
CA ASP B 307 -32.06 -3.26 28.70
C ASP B 307 -33.39 -3.48 29.42
N GLU B 308 -33.69 -4.72 29.82
CA GLU B 308 -34.89 -4.99 30.62
C GLU B 308 -34.91 -4.03 31.82
N LEU B 309 -33.73 -3.73 32.38
CA LEU B 309 -33.59 -2.76 33.47
C LEU B 309 -33.71 -1.30 33.00
N ARG B 310 -33.58 -1.08 31.69
CA ARG B 310 -33.81 0.25 31.13
C ARG B 310 -35.26 0.43 30.64
N ASP B 311 -36.15 -0.47 31.05
CA ASP B 311 -37.57 -0.38 30.69
C ASP B 311 -38.37 0.27 31.83
N PRO B 312 -39.16 1.32 31.49
CA PRO B 312 -40.05 2.00 32.43
C PRO B 312 -41.08 1.07 33.09
N ASN B 313 -41.55 0.08 32.33
CA ASN B 313 -42.58 -0.85 32.80
C ASN B 313 -42.10 -2.12 33.51
N VAL B 314 -40.84 -2.13 33.92
CA VAL B 314 -40.28 -3.31 34.57
C VAL B 314 -40.42 -3.21 36.09
N LYS B 315 -40.71 -4.36 36.71
CA LYS B 315 -40.91 -4.43 38.16
C LYS B 315 -40.18 -5.63 38.77
N LEU B 316 -39.96 -5.58 40.07
CA LEU B 316 -39.43 -6.72 40.81
C LEU B 316 -40.50 -7.81 40.85
N PRO B 317 -40.08 -9.10 40.77
CA PRO B 317 -41.05 -10.16 40.64
C PRO B 317 -42.26 -10.00 41.57
N ASN B 318 -42.00 -9.64 42.84
CA ASN B 318 -43.04 -9.37 43.83
C ASN B 318 -43.78 -8.03 43.66
N GLY B 319 -43.84 -7.52 42.43
CA GLY B 319 -44.67 -6.36 42.13
C GLY B 319 -44.04 -5.01 42.36
N ARG B 320 -43.14 -4.93 43.35
CA ARG B 320 -42.43 -3.69 43.69
C ARG B 320 -41.68 -3.12 42.49
N ASP B 321 -41.41 -1.81 42.54
CA ASP B 321 -40.56 -1.20 41.53
C ASP B 321 -39.08 -1.38 41.88
N THR B 322 -38.22 -1.31 40.86
CA THR B 322 -36.77 -1.50 41.01
C THR B 322 -36.13 -0.42 41.87
N PRO B 323 -35.01 -0.75 42.55
CA PRO B 323 -34.29 0.25 43.34
C PRO B 323 -33.53 1.21 42.43
N ALA B 324 -32.80 2.16 43.03
CA ALA B 324 -32.10 3.20 42.27
C ALA B 324 -31.17 2.61 41.21
N LEU B 325 -31.38 2.95 39.96
CA LEU B 325 -30.55 2.40 38.89
C LEU B 325 -29.92 3.44 37.97
N PHE B 326 -30.47 4.65 37.97
CA PHE B 326 -30.05 5.66 36.99
C PHE B 326 -29.47 6.93 37.62
N ASN B 327 -29.41 6.96 38.95
CA ASN B 327 -28.91 8.12 39.68
C ASN B 327 -27.38 8.32 39.56
N PHE B 328 -26.90 8.41 38.31
CA PHE B 328 -25.47 8.55 38.03
C PHE B 328 -24.95 9.94 38.38
N THR B 329 -23.85 9.98 39.11
CA THR B 329 -23.17 11.23 39.39
C THR B 329 -22.34 11.58 38.15
N THR B 330 -21.92 12.83 38.04
CA THR B 330 -20.98 13.23 36.98
C THR B 330 -19.65 12.53 37.22
N GLN B 331 -19.35 12.27 38.49
CA GLN B 331 -18.18 11.52 38.88
C GLN B 331 -18.24 10.12 38.27
N GLU B 332 -19.43 9.53 38.33
CA GLU B 332 -19.68 8.16 37.88
C GLU B 332 -19.61 8.07 36.35
N LEU B 333 -20.01 9.15 35.69
CA LEU B 333 -19.96 9.22 34.23
C LEU B 333 -18.72 9.99 33.76
N SER B 334 -17.54 9.49 34.16
CA SER B 334 -16.30 10.23 33.94
C SER B 334 -15.26 9.42 33.20
N SER B 335 -15.36 8.09 33.28
CA SER B 335 -14.49 7.23 32.49
C SER B 335 -14.78 7.53 31.01
N ASN B 336 -16.06 7.80 30.74
CA ASN B 336 -16.56 8.07 29.42
C ASN B 336 -17.94 8.72 29.55
N PRO B 337 -17.99 10.07 29.63
CA PRO B 337 -19.26 10.77 29.79
C PRO B 337 -20.28 10.65 28.63
N PRO B 338 -19.82 10.55 27.36
CA PRO B 338 -20.82 10.35 26.29
C PRO B 338 -21.36 8.91 26.16
N LEU B 339 -21.99 8.42 27.24
CA LEU B 339 -22.79 7.19 27.21
C LEU B 339 -24.01 7.32 28.11
N ALA B 340 -24.30 8.56 28.52
CA ALA B 340 -25.45 8.86 29.38
C ALA B 340 -26.78 8.58 28.70
N THR B 341 -26.82 8.73 27.37
CA THR B 341 -28.05 8.55 26.56
C THR B 341 -28.64 7.15 26.72
N ILE B 342 -27.75 6.14 26.74
CA ILE B 342 -28.13 4.76 26.94
C ILE B 342 -28.14 4.40 28.43
N LEU B 343 -27.33 5.10 29.24
CA LEU B 343 -27.29 4.79 30.67
C LEU B 343 -28.46 5.37 31.47
N ILE B 344 -28.91 6.57 31.10
CA ILE B 344 -30.08 7.17 31.74
C ILE B 344 -31.23 7.24 30.74
N PRO B 345 -32.24 6.37 30.91
CA PRO B 345 -33.43 6.31 30.06
C PRO B 345 -34.27 7.58 30.25
N PRO B 346 -35.38 7.71 29.49
CA PRO B 346 -36.17 8.94 29.54
C PRO B 346 -36.62 9.37 30.94
N HIS B 347 -37.27 8.45 31.66
CA HIS B 347 -37.97 8.75 32.93
C HIS B 347 -37.11 9.14 34.13
N ALA B 348 -35.78 9.03 34.00
CA ALA B 348 -34.87 9.38 35.10
C ALA B 348 -34.17 10.72 34.87
N ARG B 349 -33.83 11.00 33.61
CA ARG B 349 -33.20 12.27 33.24
C ARG B 349 -34.25 13.37 33.15
C4 3HT C . 20.03 7.75 -57.89
C5 3HT C . 21.27 7.68 -57.27
C6 3HT C . 22.18 8.73 -57.10
C7 3HT C . 21.72 9.95 -57.61
C8 3HT C . 20.47 10.07 -58.25
C10 3HT C . 24.11 7.47 -56.92
C13 3HT C . 25.80 8.63 -54.00
C15 3HT C . 24.22 10.34 -53.42
C17 3HT C . 23.81 9.01 -55.36
C21 3HT C . 22.94 13.24 -51.87
S22 3HT C . 22.05 14.71 -51.89
N20 3HT C . 23.56 12.77 -50.77
N19 3HT C . 24.14 11.57 -51.23
O32 3HT C . 23.06 12.49 -52.98
C18 3HT C . 23.81 11.42 -52.54
C14 3HT C . 25.41 9.66 -53.16
C16 3HT C . 23.42 10.04 -54.51
C12 3HT C . 25.01 8.32 -55.11
N11 3HT C . 25.16 7.39 -56.09
N9 3HT C . 23.34 8.47 -56.48
C3 3HT C . 19.61 8.96 -58.39
O2 3HT C . 18.36 9.03 -59.00
C1 3HT C . 17.99 10.08 -59.87
C24 2HT D . 19.09 12.73 -52.88
C26 2HT D . 19.14 10.52 -53.83
C28 2HT D . 19.75 12.38 -55.18
N30 2HT D . 20.57 13.18 -57.32
C29 2HT D . 20.16 12.81 -56.30
C27 2HT D . 19.55 11.03 -55.04
C25 2HT D . 18.91 11.37 -52.77
C31 2HT D . 19.53 13.24 -54.11
C23 2HT D . 18.82 13.64 -51.68
C4 3HT E . -24.24 -12.11 55.53
C5 3HT E . -24.24 -10.71 55.45
C6 3HT E . -23.37 -9.87 56.19
C7 3HT E . -22.50 -10.55 57.05
C8 3HT E . -22.45 -11.94 57.15
C10 3HT E . -24.55 -7.90 56.47
C13 3HT E . -22.22 -5.23 56.01
C15 3HT E . -20.28 -6.58 55.58
C17 3HT E . -22.38 -7.65 56.03
C21 3HT E . -16.86 -7.37 55.18
S22 3HT E . -15.48 -8.40 55.35
N20 3HT E . -16.78 -6.17 54.57
N19 3HT E . -18.10 -5.72 54.65
O32 3HT E . -18.07 -7.73 55.64
C18 3HT E . -18.85 -6.68 55.29
C14 3HT E . -20.86 -5.32 55.72
C16 3HT E . -21.02 -7.75 55.73
C12 3HT E . -22.97 -6.40 56.16
N11 3HT E . -24.29 -6.58 56.44
N9 3HT E . -23.40 -8.51 56.17
C3 3HT E . -23.32 -12.73 56.40
O2 3HT E . -23.19 -14.09 56.57
C1 3HT E . -24.25 -14.92 56.24
C24 2HT F . -17.44 -11.13 53.93
C26 2HT F . -19.80 -11.19 53.53
C28 2HT F . -18.95 -11.69 55.72
N30 2HT F . -19.43 -12.21 58.03
C29 2HT F . -19.18 -11.99 56.93
C27 2HT F . -20.02 -11.55 54.85
C25 2HT F . -18.52 -10.99 53.08
C31 2HT F . -17.67 -11.47 55.27
C23 2HT F . -16.03 -11.10 53.37
#